data_9FKD
#
_entry.id   9FKD
#
_cell.length_a   1.00
_cell.length_b   1.00
_cell.length_c   1.00
_cell.angle_alpha   90.00
_cell.angle_beta   90.00
_cell.angle_gamma   90.00
#
_symmetry.space_group_name_H-M   'P 1'
#
loop_
_entity.id
_entity.type
_entity.pdbx_description
1 polymer 'De novo designed DBPro1156_2 binder'
2 polymer 'DB3 Fab Heavy chain'
3 polymer 'DB3 Fab Light Chain'
4 polymer 'Anti-kappa Fab Light Chain'
5 polymer 'Anti-kappa Fab Heavy Chain'
6 non-polymer PROGESTERONE
#
loop_
_entity_poly.entity_id
_entity_poly.type
_entity_poly.pdbx_seq_one_letter_code
_entity_poly.pdbx_strand_id
1 'polypeptide(L)' DEKAKTAETLIWQLFGKAMQQSDPNEAEKLLKKAEELAKKANDPRLEQVVRQHQVVVRFLVGGSHHHHHH B
2 'polypeptide(L)'
;ETGQIQLVQSGPELKKPGETVKISCKASGYAFTNYGVNWVKEAPGKELKWMGWINIYTGEPTYVDDFKGRFAFSLETSAS
TAYLEINNLKNEDTATYFCTRGDYVNWYFDVWGAGTTVTVSSASTKGPSVFPLAPSSKSTSGGTAALGCLVKDYFPEPVT
VSWNSGALTSGVHTFPAVLQSSGLYSLSSVVTVPSSSLGTQTYICNVNHKPSNTKVDKKVEPKSCDKTHTGTKHHHHHH
;
H
3 'polypeptide(L)'
;ETGDVVMTQIPLSLPVSLGEQASISCRSSQSLIHSNGNTYLHWYLQKPGQSPKLLMYKVSNRFYGVPDRFSGSGSGTDFT
LKISRVEAEDLGIYFCSQSSHVPPTFGGGTKLEIKRTVAAPSVFIFPPSDEQLKSGTASVVCLLNNFYPREAKVQWKVDN
ALQSGNSQESVTEQDSKDSTYSLSSTLTLSKADYEKHKVYACEVTHQGLSSPVTKSFNRGEC
;
L
4 'polypeptide(L)'
;ETGSIVMTQTPKFLFVSAGDRVTITCKASQSVSNDVEWYQQKPGQSPKLMIYFASKRYNGVPDRFTGSGFGTEFTFTIST
VQAEDLAVYFCQQDYSSPWTFGGGTKLEIKRADAAPTVSIFPPSSEQLTSGGASVVCFLNNFYPKDINVKWKIDGSERQN
GVLNSWTDQDSKDSTYSMSSTLTLTKDEYERHNSYTCEATHKTSTSPIVKSFNRGEC
;
K
5 'polypeptide(L)'
;ETGEVKLLESGGGLVQPGRSLRLSCIASGFDFSGYWMTWVRQAPGKGLEWIGDINPDSSTINSTPSLKDKVIISRDNAKN
TLFLQMSKVRSEDTALYYCAQRGNYVPFPYWGQGTLVTVSAAKTTPPSVYPLAPGSAAQTNSMVTLGCLVKGYFPEPVTV
TWNSGSLSSGVHTFPAVLQSDLYTLSSSVTVPSSTWPSETVTCNVAHPASSTKVDKKIVPRDCGCKGTKHHHHHH
;
I
#
loop_
_chem_comp.id
_chem_comp.type
_chem_comp.name
_chem_comp.formula
STR non-polymer PROGESTERONE 'C21 H30 O2'
#
# COMPACT_ATOMS: atom_id res chain seq x y z
N ASP A 1 -34.49 -41.38 7.55
CA ASP A 1 -35.68 -42.18 7.27
C ASP A 1 -35.34 -43.35 6.34
N GLU A 2 -35.51 -44.57 6.86
CA GLU A 2 -35.21 -45.78 6.10
C GLU A 2 -36.12 -45.90 4.87
N LYS A 3 -37.39 -45.54 5.02
CA LYS A 3 -38.31 -45.58 3.88
C LYS A 3 -37.86 -44.61 2.80
N ALA A 4 -37.41 -43.42 3.19
CA ALA A 4 -36.92 -42.45 2.21
C ALA A 4 -35.70 -42.98 1.49
N LYS A 5 -34.78 -43.62 2.20
CA LYS A 5 -33.59 -44.17 1.57
C LYS A 5 -33.94 -45.30 0.61
N THR A 6 -34.87 -46.17 1.00
CA THR A 6 -35.30 -47.25 0.12
C THR A 6 -35.96 -46.68 -1.13
N ALA A 7 -36.81 -45.67 -0.96
CA ALA A 7 -37.44 -45.03 -2.11
C ALA A 7 -36.40 -44.38 -3.02
N GLU A 8 -35.38 -43.76 -2.43
CA GLU A 8 -34.32 -43.15 -3.22
C GLU A 8 -33.56 -44.20 -4.01
N THR A 9 -33.26 -45.34 -3.38
CA THR A 9 -32.58 -46.42 -4.10
C THR A 9 -33.43 -46.92 -5.26
N LEU A 10 -34.73 -47.11 -5.03
CA LEU A 10 -35.61 -47.55 -6.09
C LEU A 10 -35.68 -46.52 -7.22
N ILE A 11 -35.72 -45.23 -6.87
CA ILE A 11 -35.77 -44.18 -7.88
C ILE A 11 -34.51 -44.19 -8.72
N TRP A 12 -33.35 -44.33 -8.07
CA TRP A 12 -32.09 -44.37 -8.82
C TRP A 12 -32.03 -45.60 -9.72
N GLN A 13 -32.52 -46.74 -9.24
CA GLN A 13 -32.55 -47.94 -10.08
C GLN A 13 -33.45 -47.73 -11.30
N LEU A 14 -34.62 -47.13 -11.10
CA LEU A 14 -35.51 -46.86 -12.22
C LEU A 14 -34.88 -45.89 -13.20
N PHE A 15 -34.19 -44.87 -12.69
CA PHE A 15 -33.50 -43.93 -13.57
C PHE A 15 -32.42 -44.62 -14.38
N GLY A 16 -31.66 -45.51 -13.75
CA GLY A 16 -30.66 -46.27 -14.48
C GLY A 16 -31.27 -47.16 -15.55
N LYS A 17 -32.39 -47.80 -15.24
CA LYS A 17 -33.08 -48.61 -16.24
C LYS A 17 -33.55 -47.75 -17.40
N ALA A 18 -34.07 -46.56 -17.11
CA ALA A 18 -34.57 -45.68 -18.16
C ALA A 18 -33.44 -45.16 -19.04
N MET A 19 -32.27 -44.91 -18.45
CA MET A 19 -31.16 -44.33 -19.21
C MET A 19 -30.69 -45.25 -20.31
N GLN A 20 -30.76 -46.56 -20.11
CA GLN A 20 -30.29 -47.54 -21.08
C GLN A 20 -31.41 -48.14 -21.92
N GLN A 21 -32.51 -47.41 -22.09
CA GLN A 21 -33.64 -47.90 -22.86
C GLN A 21 -33.65 -47.24 -24.24
N SER A 22 -34.24 -47.95 -25.20
CA SER A 22 -34.31 -47.47 -26.58
C SER A 22 -35.67 -46.87 -26.93
N ASP A 23 -36.74 -47.31 -26.27
CA ASP A 23 -38.07 -46.79 -26.53
C ASP A 23 -38.37 -45.68 -25.54
N PRO A 24 -38.58 -44.44 -25.98
CA PRO A 24 -38.88 -43.35 -25.03
C PRO A 24 -40.15 -43.60 -24.24
N ASN A 25 -41.10 -44.35 -24.77
CA ASN A 25 -42.33 -44.64 -24.03
C ASN A 25 -42.04 -45.46 -22.78
N GLU A 26 -41.13 -46.44 -22.88
CA GLU A 26 -40.76 -47.23 -21.70
C GLU A 26 -40.09 -46.35 -20.66
N ALA A 27 -39.22 -45.44 -21.09
CA ALA A 27 -38.60 -44.50 -20.16
C ALA A 27 -39.64 -43.61 -19.49
N GLU A 28 -40.63 -43.16 -20.25
CA GLU A 28 -41.70 -42.34 -19.68
C GLU A 28 -42.49 -43.12 -18.64
N LYS A 29 -42.79 -44.39 -18.93
CA LYS A 29 -43.49 -45.21 -17.95
C LYS A 29 -42.67 -45.41 -16.68
N LEU A 30 -41.37 -45.67 -16.84
CA LEU A 30 -40.51 -45.84 -15.67
C LEU A 30 -40.44 -44.56 -14.85
N LEU A 31 -40.35 -43.41 -15.51
CA LEU A 31 -40.31 -42.13 -14.79
C LEU A 31 -41.63 -41.85 -14.10
N LYS A 32 -42.76 -42.22 -14.72
CA LYS A 32 -44.05 -42.08 -14.05
C LYS A 32 -44.11 -42.95 -12.80
N LYS A 33 -43.62 -44.19 -12.89
CA LYS A 33 -43.59 -45.05 -11.72
C LYS A 33 -42.70 -44.45 -10.63
N ALA A 34 -41.55 -43.89 -11.01
CA ALA A 34 -40.67 -43.26 -10.04
C ALA A 34 -41.34 -42.06 -9.39
N GLU A 35 -42.08 -41.26 -10.17
CA GLU A 35 -42.79 -40.12 -9.61
C GLU A 35 -43.86 -40.56 -8.63
N GLU A 36 -44.58 -41.64 -8.97
CA GLU A 36 -45.58 -42.17 -8.04
C GLU A 36 -44.93 -42.65 -6.76
N LEU A 37 -43.79 -43.34 -6.86
CA LEU A 37 -43.07 -43.78 -5.67
C LEU A 37 -42.63 -42.60 -4.83
N ALA A 38 -42.14 -41.54 -5.47
CA ALA A 38 -41.73 -40.34 -4.74
C ALA A 38 -42.90 -39.68 -4.04
N LYS A 39 -44.06 -39.63 -4.71
CA LYS A 39 -45.26 -39.08 -4.08
C LYS A 39 -45.68 -39.91 -2.87
N LYS A 40 -45.58 -41.24 -2.98
CA LYS A 40 -45.92 -42.09 -1.84
C LYS A 40 -44.94 -41.89 -0.68
N ALA A 41 -43.72 -41.46 -0.96
CA ALA A 41 -42.72 -41.26 0.09
C ALA A 41 -42.91 -39.95 0.83
N ASN A 42 -43.69 -39.01 0.29
CA ASN A 42 -43.98 -37.73 0.94
C ASN A 42 -42.70 -36.96 1.25
N ASP A 43 -41.84 -36.84 0.24
CA ASP A 43 -40.59 -36.09 0.37
C ASP A 43 -40.43 -35.15 -0.82
N PRO A 44 -40.40 -33.83 -0.60
CA PRO A 44 -40.22 -32.91 -1.74
C PRO A 44 -38.90 -33.10 -2.48
N ARG A 45 -37.84 -33.48 -1.77
CA ARG A 45 -36.54 -33.68 -2.41
C ARG A 45 -36.60 -34.79 -3.44
N LEU A 46 -37.30 -35.88 -3.12
CA LEU A 46 -37.43 -36.98 -4.07
C LEU A 46 -38.22 -36.53 -5.29
N GLU A 47 -39.24 -35.70 -5.11
CA GLU A 47 -39.97 -35.16 -6.25
C GLU A 47 -39.08 -34.29 -7.13
N GLN A 48 -38.23 -33.47 -6.50
CA GLN A 48 -37.27 -32.65 -7.26
C GLN A 48 -36.31 -33.54 -8.04
N VAL A 49 -35.82 -34.60 -7.42
CA VAL A 49 -34.90 -35.52 -8.08
C VAL A 49 -35.58 -36.18 -9.27
N VAL A 50 -36.84 -36.60 -9.10
CA VAL A 50 -37.58 -37.22 -10.20
C VAL A 50 -37.77 -36.22 -11.34
N ARG A 51 -38.09 -34.97 -11.00
CA ARG A 51 -38.27 -33.95 -12.04
C ARG A 51 -36.98 -33.73 -12.82
N GLN A 52 -35.84 -33.69 -12.12
CA GLN A 52 -34.56 -33.53 -12.81
C GLN A 52 -34.23 -34.74 -13.67
N HIS A 53 -34.52 -35.94 -13.17
CA HIS A 53 -34.28 -37.15 -13.94
C HIS A 53 -35.11 -37.17 -15.21
N GLN A 54 -36.35 -36.70 -15.12
CA GLN A 54 -37.20 -36.62 -16.30
C GLN A 54 -36.58 -35.74 -17.37
N VAL A 55 -36.06 -34.57 -16.96
CA VAL A 55 -35.45 -33.65 -17.92
C VAL A 55 -34.24 -34.30 -18.58
N VAL A 56 -33.38 -34.91 -17.76
CA VAL A 56 -32.15 -35.50 -18.30
C VAL A 56 -32.46 -36.65 -19.25
N VAL A 57 -33.39 -37.52 -18.87
CA VAL A 57 -33.74 -38.66 -19.72
C VAL A 57 -34.38 -38.19 -21.01
N ARG A 58 -35.30 -37.22 -20.93
CA ARG A 58 -35.95 -36.73 -22.14
C ARG A 58 -34.96 -36.07 -23.08
N PHE A 59 -33.96 -35.36 -22.53
CA PHE A 59 -32.97 -34.76 -23.40
C PHE A 59 -32.08 -35.81 -24.06
N LEU A 60 -31.55 -36.75 -23.27
CA LEU A 60 -30.58 -37.69 -23.84
C LEU A 60 -31.21 -38.73 -24.75
N VAL A 61 -32.33 -39.33 -24.34
CA VAL A 61 -32.95 -40.38 -25.14
C VAL A 61 -33.80 -39.84 -26.28
N GLY A 62 -34.67 -38.87 -26.01
CA GLY A 62 -35.54 -38.31 -27.03
C GLY A 62 -34.80 -37.55 -28.11
N GLY B 3 -14.16 -44.87 3.18
CA GLY B 3 -12.91 -44.22 2.82
C GLY B 3 -13.12 -42.85 2.20
N GLN B 4 -12.04 -42.08 2.09
CA GLN B 4 -12.10 -40.75 1.52
C GLN B 4 -12.37 -40.81 0.02
N ILE B 5 -13.41 -40.12 -0.44
CA ILE B 5 -13.75 -40.09 -1.86
C ILE B 5 -12.63 -39.40 -2.63
N GLN B 6 -12.07 -40.09 -3.63
CA GLN B 6 -10.94 -39.53 -4.35
C GLN B 6 -10.80 -40.18 -5.72
N LEU B 7 -10.03 -39.51 -6.57
CA LEU B 7 -9.64 -40.02 -7.88
C LEU B 7 -8.11 -39.98 -7.95
N VAL B 8 -7.53 -41.04 -8.52
CA VAL B 8 -6.08 -41.18 -8.61
C VAL B 8 -5.70 -41.27 -10.09
N GLN B 9 -4.71 -40.49 -10.49
CA GLN B 9 -4.23 -40.47 -11.87
C GLN B 9 -2.76 -40.85 -11.94
N SER B 10 -2.33 -41.25 -13.13
CA SER B 10 -0.96 -41.70 -13.33
C SER B 10 0.00 -40.51 -13.34
N GLY B 11 1.29 -40.82 -13.38
CA GLY B 11 2.32 -39.82 -13.30
C GLY B 11 2.49 -39.08 -14.61
N PRO B 12 3.46 -38.16 -14.64
CA PRO B 12 3.66 -37.33 -15.82
C PRO B 12 4.14 -38.14 -17.01
N GLU B 13 3.89 -37.61 -18.20
CA GLU B 13 4.23 -38.27 -19.45
C GLU B 13 5.07 -37.35 -20.33
N LEU B 14 6.14 -37.92 -20.88
CA LEU B 14 7.00 -37.24 -21.85
C LEU B 14 6.99 -38.05 -23.14
N LYS B 15 6.63 -37.42 -24.24
CA LYS B 15 6.48 -38.10 -25.51
C LYS B 15 7.10 -37.30 -26.64
N LYS B 16 7.30 -37.97 -27.77
CA LYS B 16 7.75 -37.41 -29.03
C LYS B 16 6.61 -37.37 -30.02
N PRO B 17 6.64 -36.44 -30.98
CA PRO B 17 5.53 -36.34 -31.94
C PRO B 17 5.35 -37.62 -32.73
N GLY B 18 4.08 -37.96 -33.01
CA GLY B 18 3.73 -39.14 -33.74
C GLY B 18 3.36 -40.34 -32.90
N GLU B 19 3.49 -40.24 -31.57
CA GLU B 19 3.26 -41.36 -30.69
C GLU B 19 1.85 -41.31 -30.10
N THR B 20 1.53 -42.31 -29.28
CA THR B 20 0.22 -42.46 -28.66
C THR B 20 0.40 -42.62 -27.15
N VAL B 21 -0.45 -41.94 -26.38
CA VAL B 21 -0.36 -41.97 -24.92
C VAL B 21 -1.70 -42.39 -24.35
N LYS B 22 -1.68 -42.92 -23.13
CA LYS B 22 -2.88 -43.41 -22.46
C LYS B 22 -2.82 -43.04 -20.98
N ILE B 23 -3.82 -42.31 -20.51
CA ILE B 23 -3.89 -41.84 -19.14
C ILE B 23 -5.04 -42.53 -18.43
N SER B 24 -4.82 -42.94 -17.19
CA SER B 24 -5.83 -43.64 -16.42
C SER B 24 -6.32 -42.78 -15.26
N CYS B 25 -7.55 -43.05 -14.82
CA CYS B 25 -8.20 -42.33 -13.73
C CYS B 25 -9.02 -43.34 -12.94
N LYS B 26 -8.63 -43.58 -11.69
CA LYS B 26 -9.27 -44.58 -10.85
C LYS B 26 -10.05 -43.91 -9.73
N ALA B 27 -11.32 -44.29 -9.58
CA ALA B 27 -12.21 -43.69 -8.60
C ALA B 27 -12.38 -44.59 -7.39
N SER B 28 -12.40 -44.00 -6.20
CA SER B 28 -12.61 -44.79 -5.00
C SER B 28 -13.39 -43.98 -3.97
N GLY B 29 -14.35 -44.63 -3.32
CA GLY B 29 -15.09 -44.03 -2.23
C GLY B 29 -16.56 -43.80 -2.46
N TYR B 30 -17.11 -44.20 -3.61
CA TYR B 30 -18.53 -44.00 -3.87
C TYR B 30 -19.01 -45.02 -4.89
N ALA B 31 -20.31 -44.96 -5.19
CA ALA B 31 -20.91 -45.83 -6.19
C ALA B 31 -20.56 -45.31 -7.58
N PHE B 32 -19.71 -46.06 -8.30
CA PHE B 32 -19.13 -45.54 -9.53
C PHE B 32 -20.16 -45.34 -10.64
N THR B 33 -21.31 -45.99 -10.53
CA THR B 33 -22.28 -45.97 -11.64
C THR B 33 -23.37 -44.93 -11.48
N ASN B 34 -23.24 -44.00 -10.52
CA ASN B 34 -24.27 -43.00 -10.28
C ASN B 34 -23.79 -41.58 -10.55
N TYR B 35 -22.76 -41.42 -11.37
CA TYR B 35 -22.28 -40.08 -11.74
C TYR B 35 -21.76 -40.15 -13.17
N GLY B 36 -21.13 -39.08 -13.62
CA GLY B 36 -20.54 -39.07 -14.95
C GLY B 36 -19.08 -38.67 -14.90
N VAL B 37 -18.25 -39.16 -15.82
CA VAL B 37 -16.83 -38.85 -15.77
C VAL B 37 -16.49 -37.83 -16.84
N ASN B 38 -16.10 -36.63 -16.42
CA ASN B 38 -15.78 -35.54 -17.34
C ASN B 38 -14.27 -35.36 -17.42
N TRP B 39 -13.80 -34.89 -18.57
CA TRP B 39 -12.38 -34.63 -18.78
C TRP B 39 -12.17 -33.15 -19.07
N VAL B 40 -11.14 -32.56 -18.48
CA VAL B 40 -10.86 -31.15 -18.63
C VAL B 40 -9.38 -30.99 -18.99
N LYS B 41 -9.09 -30.12 -19.95
CA LYS B 41 -7.73 -29.87 -20.40
C LYS B 41 -7.35 -28.43 -20.08
N GLU B 42 -6.18 -28.24 -19.47
CA GLU B 42 -5.66 -26.92 -19.14
C GLU B 42 -4.34 -26.73 -19.88
N ALA B 43 -4.32 -25.75 -20.80
CA ALA B 43 -3.09 -25.40 -21.48
C ALA B 43 -2.35 -24.33 -20.69
N PRO B 44 -1.03 -24.25 -20.83
CA PRO B 44 -0.27 -23.22 -20.11
C PRO B 44 -0.67 -21.82 -20.57
N GLY B 45 -1.09 -20.99 -19.63
CA GLY B 45 -1.45 -19.62 -19.91
C GLY B 45 -2.78 -19.42 -20.60
N LYS B 46 -3.63 -20.45 -20.65
CA LYS B 46 -4.93 -20.37 -21.30
C LYS B 46 -6.03 -20.70 -20.31
N GLU B 47 -7.26 -20.78 -20.84
CA GLU B 47 -8.42 -21.09 -20.03
C GLU B 47 -8.66 -22.59 -19.97
N LEU B 48 -9.35 -23.02 -18.92
CA LEU B 48 -9.80 -24.40 -18.86
C LEU B 48 -10.79 -24.66 -19.98
N LYS B 49 -10.71 -25.84 -20.58
CA LYS B 49 -11.57 -26.19 -21.71
C LYS B 49 -12.18 -27.56 -21.48
N TRP B 50 -13.49 -27.64 -21.50
CA TRP B 50 -14.19 -28.91 -21.37
C TRP B 50 -13.87 -29.79 -22.57
N MET B 51 -13.42 -31.01 -22.32
CA MET B 51 -13.10 -31.94 -23.39
C MET B 51 -14.25 -32.86 -23.76
N GLY B 52 -14.97 -33.35 -22.78
CA GLY B 52 -16.06 -34.28 -23.04
C GLY B 52 -16.41 -35.04 -21.78
N TRP B 53 -17.40 -35.92 -21.92
CA TRP B 53 -17.84 -36.68 -20.77
C TRP B 53 -18.28 -38.06 -21.21
N ILE B 54 -18.17 -39.01 -20.28
CA ILE B 54 -18.55 -40.40 -20.53
C ILE B 54 -19.55 -40.81 -19.46
N ASN B 55 -20.60 -41.50 -19.92
CA ASN B 55 -21.68 -41.98 -19.03
C ASN B 55 -21.37 -43.43 -18.65
N ILE B 56 -21.50 -43.77 -17.37
CA ILE B 56 -21.16 -45.12 -16.91
C ILE B 56 -22.23 -46.12 -17.31
N TYR B 57 -23.48 -45.69 -17.45
CA TYR B 57 -24.58 -46.62 -17.68
C TYR B 57 -24.42 -47.35 -19.01
N THR B 58 -24.05 -46.63 -20.07
CA THR B 58 -23.94 -47.23 -21.39
C THR B 58 -22.55 -47.13 -22.00
N GLY B 59 -21.67 -46.30 -21.45
CA GLY B 59 -20.32 -46.18 -21.97
C GLY B 59 -20.19 -45.31 -23.20
N GLU B 60 -21.26 -44.68 -23.65
CA GLU B 60 -21.20 -43.82 -24.83
C GLU B 60 -20.53 -42.50 -24.48
N PRO B 61 -19.42 -42.15 -25.12
CA PRO B 61 -18.77 -40.87 -24.84
C PRO B 61 -19.31 -39.74 -25.71
N THR B 62 -19.12 -38.52 -25.21
CA THR B 62 -19.49 -37.32 -25.94
C THR B 62 -18.32 -36.35 -25.92
N TYR B 63 -17.91 -35.91 -27.11
CA TYR B 63 -16.79 -35.00 -27.28
C TYR B 63 -17.28 -33.66 -27.82
N VAL B 64 -16.49 -32.62 -27.58
CA VAL B 64 -16.68 -31.35 -28.26
C VAL B 64 -16.18 -31.49 -29.69
N ASP B 65 -16.50 -30.52 -30.54
CA ASP B 65 -16.08 -30.58 -31.93
C ASP B 65 -14.56 -30.55 -32.05
N ASP B 66 -13.89 -29.71 -31.24
CA ASP B 66 -12.45 -29.53 -31.37
C ASP B 66 -11.67 -30.78 -31.03
N PHE B 67 -12.23 -31.68 -30.22
CA PHE B 67 -11.49 -32.84 -29.71
C PHE B 67 -11.94 -34.15 -30.32
N LYS B 68 -12.45 -34.15 -31.55
CA LYS B 68 -12.89 -35.39 -32.17
C LYS B 68 -11.75 -36.02 -32.96
N GLY B 69 -11.87 -37.33 -33.20
CA GLY B 69 -10.93 -38.04 -34.04
C GLY B 69 -9.73 -38.61 -33.32
N ARG B 70 -8.83 -37.76 -32.84
CA ARG B 70 -7.57 -38.22 -32.27
C ARG B 70 -7.70 -38.66 -30.81
N PHE B 71 -8.79 -38.31 -30.13
CA PHE B 71 -8.97 -38.65 -28.72
C PHE B 71 -10.00 -39.75 -28.57
N ALA B 72 -9.82 -40.57 -27.53
CA ALA B 72 -10.75 -41.66 -27.27
C ALA B 72 -10.95 -41.83 -25.77
N PHE B 73 -12.20 -42.06 -25.36
CA PHE B 73 -12.56 -42.38 -23.99
C PHE B 73 -12.92 -43.85 -23.88
N SER B 74 -12.50 -44.50 -22.80
CA SER B 74 -12.83 -45.90 -22.59
C SER B 74 -13.01 -46.16 -21.11
N LEU B 75 -13.68 -47.27 -20.79
CA LEU B 75 -14.05 -47.60 -19.42
C LEU B 75 -13.62 -49.02 -19.08
N GLU B 76 -13.34 -49.23 -17.79
CA GLU B 76 -13.15 -50.55 -17.21
C GLU B 76 -13.94 -50.52 -15.90
N THR B 77 -15.22 -50.93 -15.99
CA THR B 77 -16.13 -50.78 -14.86
C THR B 77 -15.73 -51.69 -13.70
N SER B 78 -15.28 -52.90 -13.99
CA SER B 78 -14.92 -53.83 -12.93
C SER B 78 -13.79 -53.28 -12.06
N ALA B 79 -12.79 -52.66 -12.68
CA ALA B 79 -11.71 -52.02 -11.95
C ALA B 79 -12.01 -50.57 -11.62
N SER B 80 -13.18 -50.05 -12.03
CA SER B 80 -13.57 -48.68 -11.74
C SER B 80 -12.55 -47.68 -12.27
N THR B 81 -12.25 -47.78 -13.56
CA THR B 81 -11.20 -46.97 -14.17
C THR B 81 -11.69 -46.37 -15.46
N ALA B 82 -11.25 -45.15 -15.76
CA ALA B 82 -11.50 -44.49 -17.04
C ALA B 82 -10.18 -44.18 -17.73
N TYR B 83 -10.13 -44.39 -19.03
CA TYR B 83 -8.91 -44.22 -19.81
C TYR B 83 -9.12 -43.20 -20.91
N LEU B 84 -8.14 -42.30 -21.05
CA LEU B 84 -8.10 -41.35 -22.15
C LEU B 84 -6.91 -41.70 -23.03
N GLU B 85 -7.18 -41.92 -24.32
CA GLU B 85 -6.15 -42.30 -25.27
C GLU B 85 -5.98 -41.21 -26.32
N ILE B 86 -4.73 -40.80 -26.56
CA ILE B 86 -4.40 -39.76 -27.51
C ILE B 86 -3.50 -40.35 -28.58
N ASN B 87 -3.85 -40.13 -29.84
CA ASN B 87 -3.07 -40.59 -30.98
C ASN B 87 -2.57 -39.42 -31.81
N ASN B 88 -1.44 -39.63 -32.48
CA ASN B 88 -0.84 -38.65 -33.38
C ASN B 88 -0.57 -37.34 -32.65
N LEU B 89 0.34 -37.41 -31.69
CA LEU B 89 0.63 -36.27 -30.84
C LEU B 89 1.27 -35.14 -31.63
N LYS B 90 1.02 -33.91 -31.19
CA LYS B 90 1.64 -32.71 -31.74
C LYS B 90 2.30 -31.91 -30.62
N ASN B 91 2.87 -30.76 -31.00
CA ASN B 91 3.48 -29.89 -30.00
C ASN B 91 2.43 -29.07 -29.27
N GLU B 92 1.20 -29.01 -29.79
CA GLU B 92 0.15 -28.23 -29.14
C GLU B 92 -0.61 -29.01 -28.08
N ASP B 93 -0.30 -30.29 -27.89
CA ASP B 93 -0.99 -31.10 -26.89
C ASP B 93 -0.31 -31.11 -25.52
N THR B 94 0.78 -30.36 -25.36
CA THR B 94 1.42 -30.26 -24.05
C THR B 94 0.50 -29.51 -23.09
N ALA B 95 -0.03 -30.22 -22.09
CA ALA B 95 -1.03 -29.63 -21.22
C ALA B 95 -1.26 -30.53 -20.02
N THR B 96 -2.13 -30.07 -19.12
CA THR B 96 -2.47 -30.83 -17.92
C THR B 96 -3.93 -31.28 -18.00
N TYR B 97 -4.17 -32.56 -17.71
CA TYR B 97 -5.48 -33.16 -17.87
C TYR B 97 -6.05 -33.55 -16.51
N PHE B 98 -7.30 -33.15 -16.26
CA PHE B 98 -8.02 -33.52 -15.05
C PHE B 98 -9.19 -34.43 -15.40
N CYS B 99 -9.41 -35.46 -14.59
CA CYS B 99 -10.64 -36.21 -14.62
C CYS B 99 -11.48 -35.84 -13.41
N THR B 100 -12.73 -35.44 -13.69
CA THR B 100 -13.59 -34.96 -12.59
C THR B 100 -14.92 -35.67 -12.59
N ARG B 101 -15.59 -35.68 -11.45
CA ARG B 101 -16.89 -36.32 -11.29
C ARG B 101 -18.01 -35.30 -11.45
N GLY B 102 -19.02 -35.66 -12.24
CA GLY B 102 -20.13 -34.77 -12.51
C GLY B 102 -21.44 -35.37 -12.02
N ASP B 103 -22.29 -34.50 -11.48
CA ASP B 103 -23.52 -34.89 -10.82
C ASP B 103 -24.71 -34.77 -11.77
N TYR B 104 -25.78 -35.50 -11.44
CA TYR B 104 -26.95 -35.60 -12.30
C TYR B 104 -28.11 -34.73 -11.84
N VAL B 105 -27.97 -34.04 -10.72
CA VAL B 105 -29.10 -33.31 -10.15
C VAL B 105 -28.81 -31.81 -10.08
N ASN B 106 -27.54 -31.45 -9.95
CA ASN B 106 -27.15 -30.06 -9.89
C ASN B 106 -26.12 -29.67 -10.93
N TRP B 107 -25.52 -30.64 -11.63
CA TRP B 107 -24.67 -30.43 -12.79
C TRP B 107 -23.39 -29.66 -12.49
N TYR B 108 -22.71 -29.96 -11.38
CA TYR B 108 -21.42 -29.36 -11.09
C TYR B 108 -20.33 -30.41 -11.10
N PHE B 109 -19.08 -29.94 -11.05
CA PHE B 109 -17.91 -30.82 -10.94
C PHE B 109 -17.35 -30.64 -9.53
N ASP B 110 -17.66 -31.57 -8.64
CA ASP B 110 -17.36 -31.43 -7.22
C ASP B 110 -16.09 -32.12 -6.77
N VAL B 111 -15.71 -33.24 -7.41
CA VAL B 111 -14.51 -33.97 -7.06
C VAL B 111 -13.58 -33.95 -8.27
N TRP B 112 -12.36 -33.50 -8.06
CA TRP B 112 -11.38 -33.35 -9.13
C TRP B 112 -10.17 -34.24 -8.85
N GLY B 113 -9.56 -34.73 -9.92
CA GLY B 113 -8.31 -35.46 -9.79
C GLY B 113 -7.13 -34.52 -9.61
N ALA B 114 -5.96 -35.12 -9.39
CA ALA B 114 -4.76 -34.33 -9.19
C ALA B 114 -4.21 -33.73 -10.47
N GLY B 115 -4.47 -34.35 -11.62
CA GLY B 115 -3.99 -33.83 -12.89
C GLY B 115 -2.74 -34.52 -13.38
N THR B 116 -2.72 -34.88 -14.66
CA THR B 116 -1.57 -35.52 -15.29
C THR B 116 -1.00 -34.58 -16.34
N THR B 117 0.31 -34.37 -16.30
CA THR B 117 0.98 -33.47 -17.22
C THR B 117 1.53 -34.25 -18.41
N VAL B 118 1.21 -33.82 -19.62
CA VAL B 118 1.70 -34.45 -20.84
C VAL B 118 2.53 -33.42 -21.59
N THR B 119 3.78 -33.75 -21.87
CA THR B 119 4.71 -32.87 -22.57
C THR B 119 5.23 -33.57 -23.80
N VAL B 120 5.11 -32.91 -24.96
CA VAL B 120 5.56 -33.45 -26.23
C VAL B 120 6.65 -32.51 -26.77
N SER B 121 7.82 -33.07 -27.04
CA SER B 121 8.92 -32.31 -27.63
C SER B 121 9.91 -33.27 -28.25
N SER B 122 10.57 -32.81 -29.31
CA SER B 122 11.51 -33.65 -30.04
C SER B 122 12.95 -33.51 -29.55
N ALA B 123 13.20 -32.65 -28.58
CA ALA B 123 14.55 -32.51 -28.03
C ALA B 123 14.88 -33.72 -27.15
N SER B 124 16.17 -34.05 -27.11
CA SER B 124 16.65 -35.19 -26.36
C SER B 124 17.23 -34.74 -25.02
N THR B 125 17.46 -35.72 -24.14
CA THR B 125 18.00 -35.44 -22.81
C THR B 125 19.39 -34.83 -22.92
N LYS B 126 19.63 -33.77 -22.14
CA LYS B 126 20.91 -33.07 -22.16
C LYS B 126 21.15 -32.45 -20.80
N GLY B 127 22.40 -32.47 -20.35
CA GLY B 127 22.77 -31.90 -19.07
C GLY B 127 22.86 -30.39 -19.11
N PRO B 128 22.86 -29.76 -17.95
CA PRO B 128 22.90 -28.30 -17.90
C PRO B 128 24.32 -27.76 -17.98
N SER B 129 24.43 -26.49 -18.34
CA SER B 129 25.70 -25.78 -18.25
C SER B 129 25.58 -24.61 -17.29
N VAL B 130 26.56 -24.46 -16.40
CA VAL B 130 26.53 -23.46 -15.35
C VAL B 130 27.60 -22.42 -15.64
N PHE B 131 27.19 -21.15 -15.68
CA PHE B 131 28.14 -20.07 -15.89
C PHE B 131 28.02 -19.05 -14.77
N PRO B 132 29.12 -18.41 -14.38
CA PRO B 132 29.05 -17.47 -13.25
C PRO B 132 28.68 -16.06 -13.71
N LEU B 133 27.61 -15.52 -13.11
CA LEU B 133 27.32 -14.09 -13.19
C LEU B 133 28.08 -13.46 -12.03
N ALA B 134 29.29 -12.99 -12.33
CA ALA B 134 30.27 -12.53 -11.35
C ALA B 134 29.94 -11.13 -10.87
N PRO B 135 30.20 -10.82 -9.60
CA PRO B 135 30.00 -9.46 -9.11
C PRO B 135 31.03 -8.51 -9.70
N SER B 136 30.65 -7.24 -9.80
CA SER B 136 31.53 -6.21 -10.31
C SER B 136 31.01 -4.85 -9.87
N GLY B 143 27.30 -0.97 -0.53
CA GLY B 143 27.74 -2.01 0.37
C GLY B 143 27.11 -3.36 0.14
N THR B 144 26.21 -3.48 -0.83
CA THR B 144 25.58 -4.75 -1.18
C THR B 144 25.80 -5.03 -2.66
N ALA B 145 26.32 -6.22 -2.96
CA ALA B 145 26.60 -6.63 -4.33
C ALA B 145 25.86 -7.91 -4.63
N ALA B 146 25.37 -8.03 -5.87
CA ALA B 146 24.59 -9.19 -6.29
C ALA B 146 25.40 -10.03 -7.26
N LEU B 147 25.28 -11.35 -7.11
CA LEU B 147 25.97 -12.30 -7.98
C LEU B 147 25.08 -13.50 -8.21
N GLY B 148 25.55 -14.45 -9.00
CA GLY B 148 24.74 -15.65 -9.17
C GLY B 148 25.29 -16.60 -10.20
N CYS B 149 24.45 -17.58 -10.54
CA CYS B 149 24.78 -18.61 -11.51
C CYS B 149 23.69 -18.69 -12.57
N LEU B 150 24.08 -18.86 -13.82
CA LEU B 150 23.16 -19.00 -14.94
C LEU B 150 23.20 -20.43 -15.44
N VAL B 151 22.06 -21.10 -15.46
CA VAL B 151 21.94 -22.48 -15.90
C VAL B 151 21.31 -22.44 -17.30
N LYS B 152 21.98 -23.06 -18.27
CA LYS B 152 21.60 -22.94 -19.66
C LYS B 152 21.59 -24.30 -20.35
N ASP B 153 20.67 -24.46 -21.31
CA ASP B 153 20.65 -25.60 -22.22
C ASP B 153 20.56 -26.93 -21.50
N TYR B 154 19.45 -27.16 -20.79
CA TYR B 154 19.18 -28.45 -20.18
C TYR B 154 17.77 -28.88 -20.53
N PHE B 155 17.56 -30.20 -20.54
CA PHE B 155 16.26 -30.76 -20.86
C PHE B 155 16.16 -32.17 -20.31
N PRO B 156 15.05 -32.54 -19.67
CA PRO B 156 13.87 -31.72 -19.36
C PRO B 156 13.90 -31.15 -17.96
N GLU B 157 12.78 -30.58 -17.51
CA GLU B 157 12.66 -30.07 -16.15
C GLU B 157 12.63 -31.24 -15.17
N PRO B 158 12.92 -30.99 -13.88
CA PRO B 158 13.40 -29.77 -13.24
C PRO B 158 14.84 -29.85 -12.75
N VAL B 159 15.45 -28.72 -12.36
CA VAL B 159 16.77 -28.69 -11.77
C VAL B 159 16.67 -28.05 -10.39
N THR B 160 17.57 -28.44 -9.49
CA THR B 160 17.62 -27.88 -8.15
C THR B 160 18.90 -27.09 -7.97
N VAL B 161 18.78 -25.87 -7.43
CA VAL B 161 19.90 -24.97 -7.23
C VAL B 161 20.01 -24.66 -5.75
N SER B 162 21.21 -24.82 -5.19
CA SER B 162 21.47 -24.54 -3.79
C SER B 162 22.76 -23.76 -3.63
N TRP B 163 22.87 -23.01 -2.55
CA TRP B 163 24.04 -22.19 -2.27
C TRP B 163 24.76 -22.70 -1.03
N ASN B 164 26.07 -22.95 -1.16
CA ASN B 164 26.86 -23.44 -0.01
C ASN B 164 26.16 -24.65 0.59
N SER B 165 25.76 -25.60 -0.27
CA SER B 165 25.08 -26.82 0.18
C SER B 165 23.92 -26.51 1.12
N GLY B 166 23.19 -25.44 0.84
CA GLY B 166 22.04 -25.05 1.63
C GLY B 166 22.34 -24.16 2.81
N ALA B 167 23.59 -23.76 3.01
CA ALA B 167 23.93 -22.94 4.16
C ALA B 167 23.39 -21.52 4.04
N LEU B 168 23.22 -21.03 2.81
CA LEU B 168 22.76 -19.66 2.57
C LEU B 168 21.35 -19.72 1.98
N THR B 169 20.41 -19.04 2.64
CA THR B 169 19.02 -19.02 2.21
C THR B 169 18.39 -17.63 2.23
N SER B 170 19.08 -16.62 2.76
CA SER B 170 18.49 -15.30 2.86
C SER B 170 18.77 -14.50 1.58
N GLY B 171 17.70 -14.04 0.94
CA GLY B 171 17.83 -13.21 -0.23
C GLY B 171 18.04 -13.94 -1.54
N VAL B 172 18.03 -15.27 -1.53
CA VAL B 172 18.24 -16.06 -2.74
C VAL B 172 16.99 -15.99 -3.60
N HIS B 173 17.17 -15.65 -4.87
CA HIS B 173 16.07 -15.63 -5.84
C HIS B 173 16.38 -16.64 -6.93
N THR B 174 15.43 -17.54 -7.19
CA THR B 174 15.54 -18.53 -8.25
C THR B 174 14.35 -18.36 -9.19
N PHE B 175 14.60 -17.87 -10.39
CA PHE B 175 13.52 -17.54 -11.30
C PHE B 175 12.99 -18.78 -12.01
N PRO B 176 11.72 -18.79 -12.40
CA PRO B 176 11.18 -19.93 -13.14
C PRO B 176 11.86 -20.10 -14.48
N ALA B 177 11.96 -21.35 -14.94
CA ALA B 177 12.61 -21.64 -16.21
C ALA B 177 11.74 -21.19 -17.38
N VAL B 178 12.40 -20.82 -18.48
CA VAL B 178 11.74 -20.39 -19.71
C VAL B 178 12.26 -21.24 -20.85
N LEU B 179 11.37 -21.60 -21.77
CA LEU B 179 11.72 -22.44 -22.91
C LEU B 179 12.35 -21.58 -24.01
N GLN B 180 13.56 -21.93 -24.42
CA GLN B 180 14.22 -21.21 -25.50
C GLN B 180 13.65 -21.66 -26.85
N SER B 181 14.11 -20.99 -27.91
CA SER B 181 13.65 -21.31 -29.25
C SER B 181 14.08 -22.71 -29.69
N SER B 182 15.29 -23.12 -29.35
CA SER B 182 15.80 -24.42 -29.80
C SER B 182 15.13 -25.60 -29.10
N GLY B 183 14.33 -25.36 -28.07
CA GLY B 183 13.66 -26.43 -27.35
C GLY B 183 14.28 -26.81 -26.02
N LEU B 184 15.25 -26.04 -25.54
CA LEU B 184 15.90 -26.30 -24.27
C LEU B 184 15.58 -25.20 -23.26
N TYR B 185 15.91 -25.45 -22.00
CA TYR B 185 15.50 -24.56 -20.91
C TYR B 185 16.70 -23.79 -20.35
N SER B 186 16.37 -22.71 -19.64
CA SER B 186 17.38 -21.88 -18.99
C SER B 186 16.77 -21.18 -17.79
N LEU B 187 17.61 -20.83 -16.82
CA LEU B 187 17.18 -20.07 -15.66
C LEU B 187 18.40 -19.41 -15.01
N SER B 188 18.13 -18.59 -14.00
CA SER B 188 19.17 -17.88 -13.27
C SER B 188 18.87 -17.91 -11.78
N SER B 189 19.93 -17.99 -10.98
CA SER B 189 19.83 -17.93 -9.52
C SER B 189 20.73 -16.82 -9.03
N VAL B 190 20.17 -15.88 -8.28
CA VAL B 190 20.92 -14.70 -7.84
C VAL B 190 20.82 -14.58 -6.32
N VAL B 191 21.80 -13.89 -5.76
CA VAL B 191 21.85 -13.64 -4.32
C VAL B 191 22.63 -12.35 -4.07
N THR B 192 22.23 -11.61 -3.04
CA THR B 192 22.86 -10.36 -2.67
C THR B 192 23.61 -10.53 -1.36
N VAL B 193 24.88 -10.09 -1.35
CA VAL B 193 25.75 -10.25 -0.18
C VAL B 193 26.41 -8.93 0.14
N PRO B 194 26.79 -8.73 1.40
CA PRO B 194 27.52 -7.51 1.77
C PRO B 194 28.83 -7.40 1.01
N SER B 195 29.18 -6.17 0.63
CA SER B 195 30.37 -5.95 -0.20
C SER B 195 31.65 -6.31 0.54
N SER B 196 31.69 -6.12 1.85
CA SER B 196 32.90 -6.36 2.61
C SER B 196 33.29 -7.83 2.68
N SER B 197 32.34 -8.75 2.49
CA SER B 197 32.61 -10.17 2.62
C SER B 197 32.92 -10.85 1.30
N LEU B 198 33.03 -10.10 0.20
CA LEU B 198 33.26 -10.73 -1.09
C LEU B 198 34.61 -11.42 -1.15
N GLY B 199 35.64 -10.83 -0.56
CA GLY B 199 36.98 -11.40 -0.64
C GLY B 199 37.30 -12.43 0.42
N THR B 200 36.31 -12.79 1.24
CA THR B 200 36.52 -13.72 2.34
C THR B 200 35.67 -14.97 2.26
N GLN B 201 34.41 -14.86 1.87
CA GLN B 201 33.48 -15.99 1.85
C GLN B 201 33.46 -16.63 0.48
N THR B 202 33.63 -17.94 0.44
CA THR B 202 33.59 -18.70 -0.80
C THR B 202 32.15 -19.09 -1.13
N TYR B 203 31.68 -18.64 -2.29
CA TYR B 203 30.31 -18.88 -2.73
C TYR B 203 30.33 -19.96 -3.80
N ILE B 204 29.53 -21.01 -3.61
CA ILE B 204 29.46 -22.12 -4.54
C ILE B 204 28.00 -22.39 -4.83
N CYS B 205 27.65 -22.47 -6.11
CA CYS B 205 26.30 -22.84 -6.50
C CYS B 205 26.28 -24.29 -6.96
N ASN B 206 25.35 -25.06 -6.43
CA ASN B 206 25.22 -26.48 -6.74
C ASN B 206 23.96 -26.67 -7.56
N VAL B 207 24.10 -27.25 -8.75
CA VAL B 207 23.00 -27.49 -9.67
C VAL B 207 22.87 -28.99 -9.87
N ASN B 208 21.65 -29.51 -9.71
CA ASN B 208 21.39 -30.93 -9.85
C ASN B 208 20.27 -31.14 -10.87
N HIS B 209 20.53 -31.99 -11.86
CA HIS B 209 19.57 -32.36 -12.89
C HIS B 209 19.52 -33.89 -12.91
N LYS B 210 18.48 -34.44 -12.30
CA LYS B 210 18.31 -35.89 -12.12
C LYS B 210 18.15 -36.66 -13.43
N PRO B 211 17.31 -36.23 -14.38
CA PRO B 211 17.14 -37.05 -15.59
C PRO B 211 18.44 -37.31 -16.34
N SER B 212 19.37 -36.37 -16.35
CA SER B 212 20.68 -36.58 -16.95
C SER B 212 21.74 -36.97 -15.93
N ASN B 213 21.36 -37.09 -14.65
CA ASN B 213 22.29 -37.50 -13.59
C ASN B 213 23.50 -36.58 -13.53
N THR B 214 23.26 -35.28 -13.60
CA THR B 214 24.33 -34.29 -13.67
C THR B 214 24.30 -33.41 -12.43
N LYS B 215 25.42 -33.35 -11.72
CA LYS B 215 25.57 -32.48 -10.55
C LYS B 215 26.82 -31.64 -10.73
N VAL B 216 26.66 -30.32 -10.69
CA VAL B 216 27.74 -29.38 -10.96
C VAL B 216 27.87 -28.40 -9.81
N ASP B 217 29.08 -28.24 -9.30
CA ASP B 217 29.39 -27.24 -8.29
C ASP B 217 30.27 -26.17 -8.92
N LYS B 218 29.77 -24.94 -8.99
CA LYS B 218 30.46 -23.85 -9.65
C LYS B 218 30.82 -22.80 -8.62
N LYS B 219 32.08 -22.36 -8.62
CA LYS B 219 32.52 -21.32 -7.71
C LYS B 219 32.47 -19.96 -8.39
N VAL B 220 31.83 -19.00 -7.74
CA VAL B 220 31.63 -17.65 -8.28
C VAL B 220 32.58 -16.72 -7.57
N GLU B 221 33.42 -16.03 -8.33
CA GLU B 221 34.42 -15.10 -7.82
C GLU B 221 34.21 -13.74 -8.45
N PRO B 222 34.67 -12.67 -7.79
CA PRO B 222 34.71 -11.36 -8.45
C PRO B 222 35.59 -11.42 -9.67
N LYS B 223 35.16 -10.74 -10.73
CA LYS B 223 35.85 -10.80 -12.01
C LYS B 223 37.26 -10.25 -11.86
N SER B 224 38.24 -11.00 -12.40
CA SER B 224 39.63 -10.61 -12.28
C SER B 224 39.96 -9.47 -13.25
N CYS B 225 39.53 -8.26 -12.91
CA CYS B 225 39.79 -7.09 -13.76
C CYS B 225 41.25 -6.66 -13.74
N ASP B 226 42.05 -7.20 -12.83
CA ASP B 226 43.46 -6.85 -12.73
C ASP B 226 44.25 -7.41 -13.91
N GLY C 3 -22.72 -19.81 -30.80
CA GLY C 3 -21.67 -20.71 -30.36
C GLY C 3 -21.62 -20.88 -28.86
N ASP C 4 -20.43 -21.20 -28.35
CA ASP C 4 -20.24 -21.38 -26.91
C ASP C 4 -20.45 -20.06 -26.18
N VAL C 5 -21.05 -20.16 -24.99
CA VAL C 5 -21.25 -18.97 -24.16
C VAL C 5 -19.90 -18.45 -23.70
N VAL C 6 -19.72 -17.13 -23.77
CA VAL C 6 -18.45 -16.50 -23.43
C VAL C 6 -18.58 -15.85 -22.06
N MET C 7 -17.67 -16.19 -21.15
CA MET C 7 -17.66 -15.64 -19.81
C MET C 7 -16.51 -14.64 -19.70
N THR C 8 -16.81 -13.45 -19.19
CA THR C 8 -15.81 -12.40 -18.99
C THR C 8 -15.79 -12.05 -17.50
N GLN C 9 -14.59 -12.00 -16.93
CA GLN C 9 -14.44 -11.77 -15.49
C GLN C 9 -13.71 -10.45 -15.25
N ILE C 10 -14.16 -9.73 -14.22
CA ILE C 10 -13.59 -8.43 -13.88
C ILE C 10 -13.31 -8.40 -12.38
N PRO C 11 -12.11 -7.98 -11.95
CA PRO C 11 -10.94 -7.63 -12.77
C PRO C 11 -10.00 -8.81 -12.99
N LEU C 12 -8.92 -8.64 -13.76
CA LEU C 12 -7.98 -9.72 -13.98
C LEU C 12 -7.08 -9.96 -12.78
N SER C 13 -6.67 -8.90 -12.08
CA SER C 13 -5.88 -9.01 -10.87
C SER C 13 -6.50 -8.10 -9.81
N LEU C 14 -6.73 -8.65 -8.63
CA LEU C 14 -7.43 -7.93 -7.55
C LEU C 14 -6.54 -7.87 -6.33
N PRO C 15 -5.91 -6.72 -6.06
CA PRO C 15 -5.15 -6.58 -4.81
C PRO C 15 -6.07 -6.25 -3.64
N VAL C 16 -6.00 -7.08 -2.60
CA VAL C 16 -6.82 -6.89 -1.41
C VAL C 16 -5.94 -7.06 -0.17
N SER C 17 -6.41 -6.51 0.94
CA SER C 17 -5.70 -6.59 2.21
C SER C 17 -6.47 -7.45 3.19
N LEU C 18 -5.74 -8.16 4.04
CA LEU C 18 -6.35 -9.04 5.03
C LEU C 18 -7.24 -8.23 5.97
N GLY C 19 -8.46 -8.74 6.19
CA GLY C 19 -9.40 -8.09 7.08
C GLY C 19 -10.43 -7.23 6.40
N GLU C 20 -10.50 -7.23 5.07
CA GLU C 20 -11.45 -6.40 4.36
C GLU C 20 -12.32 -7.22 3.41
N GLN C 21 -13.12 -6.52 2.61
CA GLN C 21 -14.06 -7.14 1.69
C GLN C 21 -13.54 -7.08 0.26
N ALA C 22 -13.86 -8.12 -0.52
CA ALA C 22 -13.48 -8.19 -1.92
C ALA C 22 -14.69 -8.61 -2.76
N SER C 23 -14.71 -8.17 -4.01
CA SER C 23 -15.82 -8.44 -4.91
C SER C 23 -15.29 -8.78 -6.30
N ILE C 24 -15.90 -9.80 -6.93
CA ILE C 24 -15.51 -10.27 -8.25
C ILE C 24 -16.75 -10.37 -9.12
N SER C 25 -16.65 -9.93 -10.38
CA SER C 25 -17.80 -9.88 -11.28
C SER C 25 -17.62 -10.84 -12.45
N CYS C 26 -18.68 -11.57 -12.77
CA CYS C 26 -18.70 -12.50 -13.90
C CYS C 26 -19.87 -12.13 -14.79
N ARG C 27 -19.62 -12.04 -16.10
CA ARG C 27 -20.63 -11.62 -17.06
C ARG C 27 -20.67 -12.59 -18.24
N SER C 28 -21.85 -13.08 -18.57
CA SER C 28 -22.02 -14.04 -19.65
C SER C 28 -22.33 -13.31 -20.95
N SER C 29 -22.31 -14.06 -22.06
CA SER C 29 -22.62 -13.46 -23.37
C SER C 29 -24.13 -13.51 -23.64
N GLN C 30 -24.86 -14.34 -22.89
CA GLN C 30 -26.29 -14.48 -23.12
C GLN C 30 -26.95 -14.94 -21.82
N SER C 31 -28.26 -15.13 -21.87
CA SER C 31 -29.02 -15.49 -20.68
C SER C 31 -28.63 -16.88 -20.20
N LEU C 32 -28.36 -17.00 -18.90
CA LEU C 32 -28.03 -18.28 -18.28
C LEU C 32 -29.23 -18.93 -17.61
N ILE C 33 -30.42 -18.32 -17.70
CA ILE C 33 -31.60 -18.90 -17.06
C ILE C 33 -32.06 -20.09 -17.87
N HIS C 34 -32.03 -21.27 -17.27
CA HIS C 34 -32.47 -22.46 -17.94
C HIS C 34 -33.99 -22.46 -18.08
N SER C 35 -34.49 -23.35 -18.94
CA SER C 35 -35.93 -23.41 -19.19
C SER C 35 -36.71 -23.79 -17.95
N ASN C 36 -36.21 -24.76 -17.17
CA ASN C 36 -36.96 -25.25 -16.03
C ASN C 36 -37.03 -24.25 -14.88
N GLY C 37 -36.19 -23.21 -14.91
CA GLY C 37 -36.31 -22.11 -13.96
C GLY C 37 -35.06 -21.79 -13.16
N ASN C 38 -34.12 -22.72 -13.06
CA ASN C 38 -32.93 -22.51 -12.25
C ASN C 38 -31.80 -21.91 -13.09
N THR C 39 -30.92 -21.18 -12.43
CA THR C 39 -29.80 -20.52 -13.08
C THR C 39 -28.52 -21.22 -12.61
N TYR C 40 -27.85 -21.90 -13.53
CA TYR C 40 -26.65 -22.67 -13.20
C TYR C 40 -25.39 -21.85 -13.44
N LEU C 41 -24.97 -21.15 -12.40
CA LEU C 41 -23.70 -20.45 -12.37
C LEU C 41 -22.93 -20.91 -11.14
N HIS C 42 -21.69 -21.37 -11.34
CA HIS C 42 -20.90 -21.94 -10.27
C HIS C 42 -19.58 -21.19 -10.16
N TRP C 43 -19.05 -21.13 -8.93
CA TRP C 43 -17.79 -20.47 -8.65
C TRP C 43 -16.80 -21.46 -8.07
N TYR C 44 -15.61 -21.55 -8.69
CA TYR C 44 -14.54 -22.44 -8.27
C TYR C 44 -13.32 -21.62 -7.89
N LEU C 45 -12.51 -22.20 -6.99
CA LEU C 45 -11.27 -21.60 -6.52
C LEU C 45 -10.13 -22.60 -6.68
N GLN C 46 -8.99 -22.12 -7.16
CA GLN C 46 -7.81 -22.96 -7.35
C GLN C 46 -6.62 -22.30 -6.67
N LYS C 47 -5.88 -23.06 -5.89
CA LYS C 47 -4.67 -22.60 -5.24
C LYS C 47 -3.45 -23.06 -6.01
N PRO C 48 -2.31 -22.40 -5.84
CA PRO C 48 -1.12 -22.79 -6.60
C PRO C 48 -0.70 -24.22 -6.33
N GLY C 49 -0.55 -24.99 -7.41
CA GLY C 49 -0.09 -26.36 -7.32
C GLY C 49 -1.12 -27.38 -6.92
N GLN C 50 -2.41 -27.05 -6.96
CA GLN C 50 -3.47 -27.96 -6.57
C GLN C 50 -4.61 -27.91 -7.58
N SER C 51 -5.55 -28.84 -7.42
CA SER C 51 -6.71 -28.92 -8.29
C SER C 51 -7.80 -27.96 -7.82
N PRO C 52 -8.65 -27.48 -8.73
CA PRO C 52 -9.72 -26.57 -8.33
C PRO C 52 -10.72 -27.26 -7.41
N LYS C 53 -11.33 -26.46 -6.53
CA LYS C 53 -12.31 -26.94 -5.57
C LYS C 53 -13.57 -26.10 -5.70
N LEU C 54 -14.73 -26.75 -5.65
CA LEU C 54 -15.99 -26.05 -5.78
C LEU C 54 -16.21 -25.14 -4.59
N LEU C 55 -16.68 -23.92 -4.84
CA LEU C 55 -17.03 -22.97 -3.78
C LEU C 55 -18.52 -22.71 -3.72
N MET C 56 -19.13 -22.30 -4.83
CA MET C 56 -20.55 -21.98 -4.85
C MET C 56 -21.21 -22.64 -6.04
N TYR C 57 -22.44 -23.13 -5.85
CA TYR C 57 -23.19 -23.71 -6.93
C TYR C 57 -24.57 -23.09 -7.02
N LYS C 58 -25.05 -22.89 -8.24
CA LYS C 58 -26.36 -22.30 -8.51
C LYS C 58 -26.49 -20.91 -7.89
N VAL C 59 -25.59 -20.03 -8.31
CA VAL C 59 -25.67 -18.59 -8.08
C VAL C 59 -25.27 -18.22 -6.66
N SER C 60 -26.05 -18.68 -5.66
CA SER C 60 -25.89 -18.18 -4.30
C SER C 60 -25.86 -19.25 -3.22
N ASN C 61 -26.04 -20.52 -3.55
CA ASN C 61 -25.94 -21.57 -2.56
C ASN C 61 -24.49 -21.76 -2.17
N ARG C 62 -24.25 -22.39 -1.01
CA ARG C 62 -22.89 -22.59 -0.54
C ARG C 62 -22.60 -24.08 -0.40
N PHE C 63 -21.49 -24.52 -0.96
CA PHE C 63 -21.13 -25.93 -0.88
C PHE C 63 -20.69 -26.29 0.53
N TYR C 64 -20.83 -27.57 0.87
CA TYR C 64 -20.55 -28.04 2.21
C TYR C 64 -19.08 -27.81 2.57
N GLY C 65 -18.84 -27.26 3.75
CA GLY C 65 -17.51 -27.00 4.24
C GLY C 65 -16.99 -25.60 3.96
N VAL C 66 -17.63 -24.85 3.08
CA VAL C 66 -17.18 -23.49 2.77
C VAL C 66 -17.52 -22.58 3.94
N PRO C 67 -16.61 -21.69 4.35
CA PRO C 67 -16.91 -20.76 5.44
C PRO C 67 -18.05 -19.83 5.09
N ASP C 68 -18.72 -19.33 6.12
CA ASP C 68 -19.90 -18.50 5.94
C ASP C 68 -19.62 -17.12 5.37
N ARG C 69 -18.35 -16.71 5.30
CA ARG C 69 -18.03 -15.36 4.85
C ARG C 69 -18.11 -15.20 3.34
N PHE C 70 -18.25 -16.29 2.59
CA PHE C 70 -18.44 -16.20 1.14
C PHE C 70 -19.92 -15.99 0.83
N SER C 71 -20.21 -15.08 -0.08
CA SER C 71 -21.59 -14.87 -0.51
C SER C 71 -21.62 -14.66 -2.02
N GLY C 72 -22.74 -15.03 -2.64
CA GLY C 72 -22.91 -14.85 -4.06
C GLY C 72 -24.26 -14.22 -4.35
N SER C 73 -24.33 -13.46 -5.44
CA SER C 73 -25.57 -12.81 -5.83
C SER C 73 -25.53 -12.52 -7.32
N GLY C 74 -26.65 -12.02 -7.83
CA GLY C 74 -26.76 -11.64 -9.22
C GLY C 74 -27.90 -12.36 -9.92
N SER C 75 -28.07 -12.01 -11.18
CA SER C 75 -29.13 -12.59 -12.00
C SER C 75 -28.93 -12.17 -13.45
N GLY C 76 -29.80 -12.70 -14.31
CA GLY C 76 -29.73 -12.39 -15.73
C GLY C 76 -28.41 -12.80 -16.34
N THR C 77 -27.57 -11.82 -16.66
CA THR C 77 -26.24 -12.07 -17.16
C THR C 77 -25.14 -11.40 -16.34
N ASP C 78 -25.44 -10.97 -15.11
CA ASP C 78 -24.45 -10.35 -14.24
C ASP C 78 -24.45 -11.08 -12.90
N PHE C 79 -23.28 -11.56 -12.48
CA PHE C 79 -23.16 -12.30 -11.25
C PHE C 79 -21.96 -11.78 -10.47
N THR C 80 -22.02 -11.90 -9.15
CA THR C 80 -21.02 -11.30 -8.28
C THR C 80 -20.74 -12.18 -7.08
N LEU C 81 -19.47 -12.30 -6.72
CA LEU C 81 -19.04 -13.02 -5.53
C LEU C 81 -18.37 -12.04 -4.56
N LYS C 82 -18.70 -12.14 -3.28
CA LYS C 82 -18.24 -11.23 -2.26
C LYS C 82 -17.67 -11.98 -1.07
N ILE C 83 -16.50 -11.52 -0.61
CA ILE C 83 -15.84 -12.05 0.57
C ILE C 83 -15.81 -10.93 1.61
N SER C 84 -16.41 -11.18 2.77
CA SER C 84 -16.53 -10.12 3.77
C SER C 84 -15.21 -9.84 4.46
N ARG C 85 -14.46 -10.89 4.83
CA ARG C 85 -13.20 -10.73 5.56
C ARG C 85 -12.17 -11.68 4.96
N VAL C 86 -11.27 -11.12 4.13
CA VAL C 86 -10.25 -11.93 3.49
C VAL C 86 -9.27 -12.43 4.54
N GLU C 87 -8.77 -13.64 4.35
CA GLU C 87 -7.72 -14.22 5.19
C GLU C 87 -6.54 -14.63 4.33
N ALA C 88 -5.54 -15.23 4.99
CA ALA C 88 -4.34 -15.63 4.27
C ALA C 88 -4.59 -16.85 3.40
N GLU C 89 -5.59 -17.65 3.74
CA GLU C 89 -5.85 -18.88 3.00
C GLU C 89 -6.83 -18.70 1.85
N ASP C 90 -7.37 -17.50 1.66
CA ASP C 90 -8.33 -17.25 0.59
C ASP C 90 -7.67 -16.73 -0.68
N LEU C 91 -6.35 -16.65 -0.74
CA LEU C 91 -5.67 -16.22 -1.94
C LEU C 91 -5.60 -17.35 -2.95
N GLY C 92 -5.81 -17.01 -4.22
CA GLY C 92 -5.81 -17.98 -5.28
C GLY C 92 -6.43 -17.39 -6.53
N ILE C 93 -6.92 -18.28 -7.40
CA ILE C 93 -7.57 -17.89 -8.64
C ILE C 93 -9.01 -18.36 -8.60
N TYR C 94 -9.95 -17.43 -8.76
CA TYR C 94 -11.38 -17.73 -8.76
C TYR C 94 -11.91 -17.63 -10.18
N PHE C 95 -12.70 -18.60 -10.60
CA PHE C 95 -13.37 -18.48 -11.89
C PHE C 95 -14.78 -19.07 -11.88
N CYS C 96 -15.63 -18.52 -12.72
CA CYS C 96 -17.02 -18.93 -12.84
C CYS C 96 -17.17 -19.98 -13.93
N SER C 97 -18.34 -20.62 -13.93
CA SER C 97 -18.67 -21.62 -14.93
C SER C 97 -20.19 -21.70 -15.06
N GLN C 98 -20.64 -22.18 -16.21
CA GLN C 98 -22.06 -22.36 -16.48
C GLN C 98 -22.31 -23.79 -16.94
N SER C 99 -23.55 -24.24 -16.75
CA SER C 99 -23.93 -25.59 -17.18
C SER C 99 -25.31 -25.57 -17.82
N SER C 100 -25.83 -24.39 -18.12
CA SER C 100 -27.18 -24.22 -18.64
C SER C 100 -27.27 -24.38 -20.14
N HIS C 101 -26.14 -24.44 -20.85
CA HIS C 101 -26.16 -24.59 -22.30
C HIS C 101 -24.96 -25.43 -22.71
N VAL C 102 -25.20 -26.51 -23.43
CA VAL C 102 -24.08 -27.38 -23.86
C VAL C 102 -23.18 -26.59 -24.79
N PRO C 103 -21.86 -26.59 -24.58
CA PRO C 103 -21.12 -27.23 -23.50
C PRO C 103 -20.78 -26.28 -22.36
N PRO C 104 -20.49 -26.80 -21.17
CA PRO C 104 -20.04 -25.93 -20.07
C PRO C 104 -18.75 -25.20 -20.45
N THR C 105 -18.62 -23.99 -19.92
CA THR C 105 -17.47 -23.14 -20.21
C THR C 105 -16.95 -22.54 -18.92
N PHE C 106 -15.70 -22.10 -18.96
CA PHE C 106 -15.03 -21.56 -17.78
C PHE C 106 -14.54 -20.15 -18.07
N GLY C 107 -14.54 -19.31 -17.04
CA GLY C 107 -14.07 -17.95 -17.18
C GLY C 107 -12.55 -17.90 -17.20
N GLY C 108 -12.05 -16.68 -17.39
CA GLY C 108 -10.61 -16.48 -17.45
C GLY C 108 -9.88 -16.54 -16.12
N GLY C 109 -10.56 -16.21 -15.02
CA GLY C 109 -9.95 -16.30 -13.71
C GLY C 109 -9.43 -14.98 -13.17
N THR C 110 -9.72 -14.72 -11.90
CA THR C 110 -9.26 -13.53 -11.20
C THR C 110 -8.32 -13.97 -10.08
N LYS C 111 -7.15 -13.35 -10.01
CA LYS C 111 -6.13 -13.72 -9.02
C LYS C 111 -6.18 -12.75 -7.85
N LEU C 112 -6.16 -13.27 -6.64
CA LEU C 112 -6.16 -12.43 -5.44
C LEU C 112 -4.74 -12.34 -4.89
N GLU C 113 -4.31 -11.14 -4.54
CA GLU C 113 -2.98 -10.91 -4.03
C GLU C 113 -2.99 -9.80 -2.98
N ILE C 114 -1.93 -9.75 -2.19
CA ILE C 114 -1.83 -8.81 -1.08
C ILE C 114 -1.45 -7.43 -1.63
N LYS C 115 -1.99 -6.38 -1.01
CA LYS C 115 -1.70 -5.03 -1.45
C LYS C 115 -0.78 -4.33 -0.47
N ARG C 116 0.19 -3.58 -0.99
CA ARG C 116 1.10 -2.78 -0.18
C ARG C 116 1.47 -1.52 -0.95
N THR C 117 2.42 -0.78 -0.41
CA THR C 117 2.78 0.51 -0.99
C THR C 117 3.78 0.35 -2.14
N VAL C 118 3.92 1.42 -2.92
CA VAL C 118 4.79 1.39 -4.09
C VAL C 118 6.25 1.38 -3.64
N ALA C 119 7.11 0.77 -4.46
CA ALA C 119 8.55 0.71 -4.18
C ALA C 119 9.29 0.58 -5.51
N ALA C 120 10.41 1.29 -5.62
CA ALA C 120 11.17 1.27 -6.86
C ALA C 120 12.17 0.12 -6.87
N PRO C 121 12.51 -0.40 -8.05
CA PRO C 121 13.42 -1.55 -8.12
C PRO C 121 14.88 -1.14 -7.98
N SER C 122 15.72 -2.13 -7.67
CA SER C 122 17.16 -1.95 -7.76
C SER C 122 17.67 -2.69 -9.00
N VAL C 123 18.46 -2.00 -9.82
CA VAL C 123 18.85 -2.52 -11.14
C VAL C 123 20.30 -2.95 -11.10
N PHE C 124 20.58 -4.11 -11.68
CA PHE C 124 21.94 -4.62 -11.84
C PHE C 124 22.09 -5.19 -13.24
N ILE C 125 23.32 -5.22 -13.75
CA ILE C 125 23.59 -5.75 -15.08
C ILE C 125 24.83 -6.65 -15.02
N PHE C 126 24.72 -7.84 -15.61
CA PHE C 126 25.77 -8.84 -15.62
C PHE C 126 26.21 -9.12 -17.04
N PRO C 127 27.51 -9.04 -17.34
CA PRO C 127 28.01 -9.27 -18.70
C PRO C 127 28.17 -10.75 -18.97
N PRO C 128 28.58 -11.14 -20.16
CA PRO C 128 28.84 -12.56 -20.43
C PRO C 128 30.23 -12.98 -19.96
N SER C 129 30.30 -14.20 -19.45
CA SER C 129 31.57 -14.76 -19.00
C SER C 129 32.43 -15.19 -20.19
N ASP C 130 33.69 -15.51 -19.91
CA ASP C 130 34.59 -15.95 -20.97
C ASP C 130 34.27 -17.36 -21.43
N GLU C 131 33.83 -18.22 -20.51
CA GLU C 131 33.53 -19.60 -20.88
C GLU C 131 32.41 -19.66 -21.90
N GLN C 132 31.36 -18.86 -21.72
CA GLN C 132 30.29 -18.80 -22.71
C GLN C 132 30.78 -18.23 -24.03
N LEU C 133 31.63 -17.20 -23.98
CA LEU C 133 32.16 -16.61 -25.20
C LEU C 133 32.99 -17.61 -25.99
N LYS C 134 33.63 -18.56 -25.29
CA LYS C 134 34.38 -19.59 -26.00
C LYS C 134 33.46 -20.57 -26.73
N SER C 135 32.17 -20.56 -26.40
CA SER C 135 31.21 -21.47 -27.05
C SER C 135 30.50 -20.84 -28.24
N GLY C 136 30.62 -19.54 -28.45
CA GLY C 136 30.01 -18.88 -29.59
C GLY C 136 28.75 -18.10 -29.30
N THR C 137 28.31 -18.00 -28.04
CA THR C 137 27.11 -17.27 -27.68
C THR C 137 27.44 -16.30 -26.55
N ALA C 138 26.62 -15.27 -26.41
CA ALA C 138 26.81 -14.28 -25.34
C ALA C 138 25.46 -13.91 -24.77
N SER C 139 25.30 -14.05 -23.46
CA SER C 139 24.07 -13.71 -22.75
C SER C 139 24.34 -12.57 -21.79
N VAL C 140 23.56 -11.51 -21.90
CA VAL C 140 23.67 -10.36 -20.99
C VAL C 140 22.41 -10.32 -20.15
N VAL C 141 22.56 -10.09 -18.84
CA VAL C 141 21.46 -10.22 -17.90
C VAL C 141 21.21 -8.87 -17.23
N CYS C 142 19.94 -8.48 -17.11
CA CYS C 142 19.53 -7.31 -16.36
C CYS C 142 18.55 -7.74 -15.28
N LEU C 143 18.83 -7.37 -14.04
CA LEU C 143 18.08 -7.84 -12.88
C LEU C 143 17.43 -6.66 -12.17
N LEU C 144 16.12 -6.76 -11.95
CA LEU C 144 15.35 -5.78 -11.18
C LEU C 144 14.95 -6.44 -9.88
N ASN C 145 15.27 -5.80 -8.76
CA ASN C 145 15.15 -6.41 -7.45
C ASN C 145 14.19 -5.63 -6.56
N ASN C 146 13.23 -6.35 -5.98
CA ASN C 146 12.39 -5.87 -4.87
C ASN C 146 11.62 -4.61 -5.24
N PHE C 147 10.72 -4.75 -6.21
CA PHE C 147 9.86 -3.66 -6.63
C PHE C 147 8.39 -4.04 -6.50
N TYR C 148 7.53 -3.04 -6.66
CA TYR C 148 6.09 -3.18 -6.63
C TYR C 148 5.49 -1.95 -7.28
N PRO C 149 4.43 -2.08 -8.09
CA PRO C 149 3.71 -3.30 -8.47
C PRO C 149 4.40 -4.09 -9.59
N ARG C 150 3.65 -4.96 -10.26
CA ARG C 150 4.25 -5.89 -11.21
C ARG C 150 4.66 -5.20 -12.51
N GLU C 151 4.06 -4.06 -12.83
CA GLU C 151 4.26 -3.45 -14.15
C GLU C 151 5.57 -2.66 -14.19
N ALA C 152 6.51 -3.14 -14.99
CA ALA C 152 7.77 -2.43 -15.25
C ALA C 152 8.18 -2.73 -16.68
N LYS C 153 8.94 -1.81 -17.29
CA LYS C 153 9.34 -1.92 -18.68
C LYS C 153 10.85 -1.91 -18.77
N VAL C 154 11.40 -2.86 -19.55
CA VAL C 154 12.84 -3.00 -19.72
C VAL C 154 13.14 -2.96 -21.21
N GLN C 155 14.16 -2.21 -21.59
CA GLN C 155 14.59 -2.09 -22.98
C GLN C 155 16.10 -2.25 -23.07
N TRP C 156 16.57 -2.85 -24.16
CA TRP C 156 17.99 -3.08 -24.37
C TRP C 156 18.50 -2.17 -25.47
N LYS C 157 19.62 -1.51 -25.22
CA LYS C 157 20.22 -0.58 -26.18
C LYS C 157 21.64 -1.01 -26.47
N VAL C 158 21.95 -1.21 -27.74
CA VAL C 158 23.29 -1.55 -28.20
C VAL C 158 23.75 -0.43 -29.11
N ASP C 159 24.68 0.40 -28.63
CA ASP C 159 25.14 1.59 -29.35
C ASP C 159 23.97 2.49 -29.71
N ASN C 160 23.08 2.72 -28.75
CA ASN C 160 21.90 3.58 -28.86
C ASN C 160 20.91 3.11 -29.92
N ALA C 161 20.90 1.82 -30.24
CA ALA C 161 19.89 1.25 -31.13
C ALA C 161 18.98 0.31 -30.34
N LEU C 162 17.68 0.56 -30.40
CA LEU C 162 16.75 -0.24 -29.63
C LEU C 162 16.67 -1.65 -30.20
N GLN C 163 16.80 -2.64 -29.32
CA GLN C 163 16.75 -4.04 -29.71
C GLN C 163 15.33 -4.57 -29.63
N SER C 164 15.03 -5.57 -30.46
CA SER C 164 13.70 -6.13 -30.51
C SER C 164 13.75 -7.58 -30.97
N GLY C 165 13.09 -8.47 -30.22
CA GLY C 165 12.88 -9.83 -30.65
C GLY C 165 13.91 -10.85 -30.22
N ASN C 166 14.79 -10.52 -29.27
CA ASN C 166 15.79 -11.47 -28.81
C ASN C 166 15.98 -11.44 -27.30
N SER C 167 15.04 -10.87 -26.55
CA SER C 167 15.15 -10.77 -25.11
C SER C 167 13.97 -11.50 -24.46
N GLN C 168 14.26 -12.20 -23.36
CA GLN C 168 13.24 -12.96 -22.65
C GLN C 168 13.23 -12.60 -21.17
N GLU C 169 12.04 -12.52 -20.59
CA GLU C 169 11.87 -12.07 -19.22
C GLU C 169 11.33 -13.18 -18.34
N SER C 170 11.62 -13.08 -17.05
CA SER C 170 11.13 -14.01 -16.05
C SER C 170 10.82 -13.25 -14.77
N VAL C 171 9.73 -13.64 -14.09
CA VAL C 171 9.24 -12.94 -12.91
C VAL C 171 8.98 -13.95 -11.81
N THR C 172 9.43 -13.64 -10.59
CA THR C 172 9.14 -14.48 -9.44
C THR C 172 7.75 -14.20 -8.89
N GLU C 173 7.34 -15.04 -7.94
CA GLU C 173 6.08 -14.82 -7.24
C GLU C 173 6.26 -13.76 -6.16
N GLN C 174 5.12 -13.33 -5.61
CA GLN C 174 5.14 -12.31 -4.56
C GLN C 174 5.82 -12.86 -3.31
N ASP C 175 6.68 -12.04 -2.71
CA ASP C 175 7.44 -12.49 -1.54
C ASP C 175 6.52 -12.76 -0.36
N SER C 176 6.90 -13.72 0.46
CA SER C 176 6.06 -14.12 1.59
C SER C 176 6.31 -13.28 2.84
N LYS C 177 7.31 -12.40 2.83
CA LYS C 177 7.66 -11.61 4.00
C LYS C 177 7.33 -10.14 3.86
N ASP C 178 7.59 -9.54 2.69
CA ASP C 178 7.28 -8.13 2.46
C ASP C 178 6.52 -7.89 1.16
N SER C 179 6.16 -8.95 0.43
CA SER C 179 5.28 -8.88 -0.74
C SER C 179 5.86 -8.06 -1.88
N THR C 180 7.08 -8.38 -2.32
CA THR C 180 7.68 -7.72 -3.47
C THR C 180 8.03 -8.75 -4.55
N TYR C 181 8.36 -8.25 -5.73
CA TYR C 181 8.68 -9.09 -6.88
C TYR C 181 10.16 -8.98 -7.23
N SER C 182 10.53 -9.68 -8.30
CA SER C 182 11.86 -9.59 -8.89
C SER C 182 11.79 -10.05 -10.34
N LEU C 183 12.53 -9.39 -11.21
CA LEU C 183 12.45 -9.64 -12.64
C LEU C 183 13.83 -9.82 -13.22
N SER C 184 13.94 -10.65 -14.25
CA SER C 184 15.20 -10.90 -14.92
C SER C 184 14.99 -10.90 -16.43
N SER C 185 15.79 -10.10 -17.14
CA SER C 185 15.70 -9.99 -18.58
C SER C 185 17.02 -10.43 -19.19
N THR C 186 16.96 -11.37 -20.14
CA THR C 186 18.14 -11.96 -20.76
C THR C 186 18.15 -11.62 -22.23
N LEU C 187 19.29 -11.10 -22.70
CA LEU C 187 19.50 -10.81 -24.12
C LEU C 187 20.57 -11.73 -24.67
N THR C 188 20.25 -12.41 -25.77
CA THR C 188 21.12 -13.41 -26.36
C THR C 188 21.67 -12.91 -27.69
N LEU C 189 22.97 -13.03 -27.88
CA LEU C 189 23.63 -12.59 -29.11
C LEU C 189 24.63 -13.63 -29.57
N SER C 190 24.88 -13.64 -30.87
CA SER C 190 25.97 -14.44 -31.41
C SER C 190 27.30 -13.75 -31.15
N LYS C 191 28.39 -14.52 -31.26
CA LYS C 191 29.70 -13.99 -30.92
C LYS C 191 30.10 -12.85 -31.84
N ALA C 192 29.87 -12.99 -33.14
CA ALA C 192 30.25 -11.93 -34.07
C ALA C 192 29.46 -10.65 -33.80
N ASP C 193 28.15 -10.77 -33.61
CA ASP C 193 27.34 -9.59 -33.31
C ASP C 193 27.75 -8.97 -31.98
N TYR C 194 28.09 -9.81 -31.00
CA TYR C 194 28.54 -9.28 -29.71
C TYR C 194 29.85 -8.52 -29.86
N GLU C 195 30.75 -9.00 -30.72
CA GLU C 195 32.04 -8.34 -30.90
C GLU C 195 32.00 -7.19 -31.88
N LYS C 196 30.89 -7.00 -32.60
CA LYS C 196 30.78 -5.85 -33.50
C LYS C 196 30.52 -4.54 -32.76
N HIS C 197 30.09 -4.59 -31.50
CA HIS C 197 29.66 -3.40 -30.79
C HIS C 197 30.45 -3.26 -29.49
N LYS C 198 30.30 -2.09 -28.85
CA LYS C 198 31.07 -1.75 -27.67
C LYS C 198 30.21 -1.51 -26.44
N VAL C 199 29.21 -0.65 -26.51
CA VAL C 199 28.48 -0.18 -25.34
C VAL C 199 27.12 -0.86 -25.29
N TYR C 200 26.79 -1.45 -24.14
CA TYR C 200 25.51 -2.13 -23.93
C TYR C 200 24.81 -1.51 -22.74
N ALA C 201 23.49 -1.35 -22.82
CA ALA C 201 22.75 -0.67 -21.78
C ALA C 201 21.38 -1.28 -21.57
N CYS C 202 20.95 -1.32 -20.32
CA CYS C 202 19.62 -1.76 -19.93
C CYS C 202 18.88 -0.57 -19.34
N GLU C 203 17.73 -0.24 -19.90
CA GLU C 203 16.94 0.91 -19.47
C GLU C 203 15.64 0.43 -18.85
N VAL C 204 15.35 0.92 -17.64
CA VAL C 204 14.20 0.49 -16.87
C VAL C 204 13.28 1.68 -16.65
N THR C 205 11.99 1.49 -16.93
CA THR C 205 10.95 2.47 -16.64
C THR C 205 9.94 1.85 -15.68
N HIS C 206 9.75 2.49 -14.53
CA HIS C 206 8.83 2.00 -13.52
C HIS C 206 8.00 3.17 -13.02
N GLN C 207 6.79 2.87 -12.53
CA GLN C 207 5.88 3.96 -12.08
C GLN C 207 6.45 4.64 -10.83
N GLY C 208 7.18 3.89 -9.99
CA GLY C 208 7.72 4.48 -8.78
C GLY C 208 9.01 5.25 -8.93
N LEU C 209 9.50 5.40 -10.16
CA LEU C 209 10.72 6.15 -10.44
C LEU C 209 10.38 7.41 -11.22
N SER C 210 10.97 8.54 -10.81
CA SER C 210 10.68 9.80 -11.48
C SER C 210 11.25 9.85 -12.89
N SER C 211 12.29 9.08 -13.16
CA SER C 211 12.95 9.07 -14.46
C SER C 211 13.45 7.66 -14.76
N PRO C 212 13.59 7.30 -16.03
CA PRO C 212 14.12 5.98 -16.37
C PRO C 212 15.56 5.82 -15.88
N VAL C 213 15.91 4.59 -15.52
CA VAL C 213 17.23 4.28 -14.98
C VAL C 213 18.00 3.44 -15.99
N THR C 214 19.20 3.89 -16.33
CA THR C 214 20.03 3.22 -17.33
C THR C 214 21.27 2.66 -16.65
N LYS C 215 21.48 1.35 -16.80
CA LYS C 215 22.70 0.69 -16.34
C LYS C 215 23.45 0.17 -17.56
N SER C 216 24.69 0.60 -17.74
CA SER C 216 25.41 0.32 -18.98
C SER C 216 26.84 -0.07 -18.67
N PHE C 217 27.46 -0.75 -19.65
CA PHE C 217 28.87 -1.11 -19.56
C PHE C 217 29.45 -1.17 -20.96
N ASN C 218 30.78 -1.32 -21.02
CA ASN C 218 31.50 -1.37 -22.28
C ASN C 218 32.19 -2.73 -22.41
N ARG C 219 32.26 -3.24 -23.64
CA ARG C 219 32.90 -4.52 -23.88
C ARG C 219 34.41 -4.40 -23.69
N GLY C 220 34.96 -5.30 -22.87
CA GLY C 220 36.39 -5.36 -22.65
C GLY C 220 36.92 -4.46 -21.56
N GLU C 221 36.11 -3.57 -21.00
CA GLU C 221 36.54 -2.65 -19.97
C GLU C 221 36.22 -3.18 -18.59
N CYS C 222 36.47 -2.35 -17.58
CA CYS C 222 36.24 -2.72 -16.19
C CYS C 222 35.91 -1.48 -15.35
N GLY D 3 4.58 15.00 -16.24
CA GLY D 3 4.42 16.05 -15.26
C GLY D 3 3.90 15.55 -13.93
N SER D 4 4.08 16.36 -12.89
CA SER D 4 3.62 16.02 -11.56
C SER D 4 2.09 16.06 -11.49
N ILE D 5 1.52 15.08 -10.78
CA ILE D 5 0.06 15.02 -10.65
C ILE D 5 -0.39 16.11 -9.68
N VAL D 6 -1.42 16.86 -10.08
CA VAL D 6 -1.91 18.00 -9.32
C VAL D 6 -3.18 17.57 -8.60
N MET D 7 -3.17 17.67 -7.26
CA MET D 7 -4.33 17.36 -6.44
C MET D 7 -4.97 18.67 -6.00
N THR D 8 -6.25 18.83 -6.29
CA THR D 8 -7.02 20.02 -5.91
C THR D 8 -8.01 19.63 -4.83
N GLN D 9 -7.99 20.35 -3.72
CA GLN D 9 -8.83 20.03 -2.58
C GLN D 9 -9.77 21.19 -2.27
N THR D 10 -11.04 20.86 -2.04
CA THR D 10 -12.08 21.83 -1.75
C THR D 10 -12.91 21.36 -0.57
N PRO D 11 -13.51 22.29 0.19
CA PRO D 11 -13.34 23.75 0.16
C PRO D 11 -12.14 24.19 0.98
N LYS D 12 -11.70 25.44 0.83
CA LYS D 12 -10.51 25.89 1.54
C LYS D 12 -10.78 26.18 3.00
N PHE D 13 -11.97 26.70 3.33
CA PHE D 13 -12.34 27.04 4.70
C PHE D 13 -13.67 26.40 5.05
N LEU D 14 -13.82 26.05 6.33
CA LEU D 14 -15.05 25.43 6.83
C LEU D 14 -15.40 26.05 8.17
N PHE D 15 -16.62 26.59 8.27
CA PHE D 15 -17.15 27.15 9.52
C PHE D 15 -18.39 26.35 9.88
N VAL D 16 -18.25 25.43 10.83
CA VAL D 16 -19.34 24.55 11.23
C VAL D 16 -19.56 24.64 12.74
N SER D 17 -20.77 24.33 13.15
CA SER D 17 -21.13 24.27 14.56
C SER D 17 -20.91 22.85 15.08
N ALA D 18 -20.74 22.74 16.39
CA ALA D 18 -20.51 21.44 17.00
C ALA D 18 -21.69 20.51 16.75
N GLY D 19 -21.38 19.27 16.37
CA GLY D 19 -22.38 18.26 16.13
C GLY D 19 -22.77 18.08 14.67
N ASP D 20 -22.26 18.92 13.77
CA ASP D 20 -22.64 18.83 12.38
C ASP D 20 -21.79 17.80 11.64
N ARG D 21 -22.08 17.64 10.36
CA ARG D 21 -21.39 16.70 9.48
C ARG D 21 -20.71 17.47 8.35
N VAL D 22 -19.46 17.12 8.07
CA VAL D 22 -18.68 17.84 7.06
C VAL D 22 -18.09 16.88 6.06
N THR D 23 -17.78 17.40 4.87
CA THR D 23 -17.26 16.62 3.76
C THR D 23 -16.21 17.43 3.02
N ILE D 24 -15.09 16.79 2.68
CA ILE D 24 -13.98 17.42 1.96
C ILE D 24 -13.69 16.60 0.72
N THR D 25 -13.50 17.27 -0.41
CA THR D 25 -13.34 16.62 -1.71
C THR D 25 -11.93 16.85 -2.25
N CYS D 26 -11.27 15.76 -2.62
CA CYS D 26 -9.92 15.79 -3.18
C CYS D 26 -9.98 15.20 -4.59
N LYS D 27 -9.53 15.96 -5.57
CA LYS D 27 -9.71 15.61 -6.98
C LYS D 27 -8.35 15.62 -7.69
N ALA D 28 -8.06 14.55 -8.42
CA ALA D 28 -6.79 14.42 -9.12
C ALA D 28 -6.94 14.80 -10.58
N SER D 29 -5.80 15.16 -11.20
CA SER D 29 -5.83 15.51 -12.62
C SER D 29 -5.78 14.29 -13.53
N GLN D 30 -5.43 13.13 -12.99
CA GLN D 30 -5.43 11.89 -13.75
C GLN D 30 -5.61 10.73 -12.78
N SER D 31 -5.93 9.56 -13.32
CA SER D 31 -6.27 8.42 -12.49
C SER D 31 -5.13 8.08 -11.55
N VAL D 32 -5.46 7.91 -10.27
CA VAL D 32 -4.50 7.52 -9.24
C VAL D 32 -4.94 6.26 -8.51
N SER D 33 -5.81 5.47 -9.13
CA SER D 33 -6.34 4.25 -8.55
C SER D 33 -6.97 4.53 -7.19
N ASN D 34 -6.51 3.83 -6.15
CA ASN D 34 -7.00 4.05 -4.79
C ASN D 34 -5.86 4.32 -3.81
N ASP D 35 -4.81 5.01 -4.26
CA ASP D 35 -3.70 5.37 -3.39
C ASP D 35 -3.85 6.83 -2.96
N VAL D 36 -4.68 7.02 -1.93
CA VAL D 36 -4.91 8.34 -1.35
C VAL D 36 -4.91 8.19 0.17
N GLU D 37 -4.21 9.09 0.84
CA GLU D 37 -4.14 9.10 2.29
C GLU D 37 -4.54 10.48 2.83
N TRP D 38 -5.28 10.46 3.92
CA TRP D 38 -5.78 11.67 4.55
C TRP D 38 -5.13 11.85 5.92
N TYR D 39 -4.51 13.01 6.11
CA TYR D 39 -3.78 13.38 7.32
C TYR D 39 -4.48 14.54 8.02
N GLN D 40 -4.32 14.56 9.35
CA GLN D 40 -4.88 15.65 10.18
C GLN D 40 -3.73 16.28 10.98
N GLN D 41 -3.62 17.60 10.96
CA GLN D 41 -2.56 18.33 11.66
C GLN D 41 -3.21 19.37 12.58
N LYS D 42 -2.98 19.24 13.87
CA LYS D 42 -3.44 20.24 14.82
C LYS D 42 -2.44 21.40 14.86
N PRO D 43 -2.87 22.57 15.31
CA PRO D 43 -1.97 23.72 15.33
C PRO D 43 -0.73 23.48 16.17
N GLY D 44 0.44 23.49 15.51
CA GLY D 44 1.71 23.39 16.19
C GLY D 44 2.19 22.00 16.51
N GLN D 45 1.71 20.98 15.79
CA GLN D 45 2.11 19.61 16.05
C GLN D 45 2.40 18.89 14.74
N SER D 46 2.87 17.64 14.87
CA SER D 46 3.20 16.84 13.71
C SER D 46 1.93 16.34 13.02
N PRO D 47 1.98 16.13 11.71
CA PRO D 47 0.84 15.52 11.02
C PRO D 47 0.60 14.11 11.54
N LYS D 48 -0.67 13.71 11.56
CA LYS D 48 -1.08 12.40 12.03
C LYS D 48 -1.88 11.71 10.94
N LEU D 49 -1.52 10.47 10.63
CA LEU D 49 -2.24 9.72 9.61
C LEU D 49 -3.63 9.34 10.11
N MET D 50 -4.63 9.59 9.29
CA MET D 50 -6.01 9.27 9.63
C MET D 50 -6.57 8.15 8.74
N ILE D 51 -6.49 8.31 7.43
CA ILE D 51 -7.04 7.33 6.50
C ILE D 51 -5.97 6.95 5.50
N TYR D 52 -5.85 5.66 5.19
CA TYR D 52 -4.93 5.21 4.16
C TYR D 52 -5.64 4.23 3.23
N PHE D 53 -5.15 4.18 1.99
CA PHE D 53 -5.75 3.36 0.93
C PHE D 53 -7.19 3.77 0.67
N ALA D 54 -7.54 5.00 1.06
CA ALA D 54 -8.76 5.70 0.67
C ALA D 54 -10.03 5.17 1.33
N SER D 55 -9.94 4.06 2.07
CA SER D 55 -11.13 3.57 2.76
C SER D 55 -10.82 3.01 4.14
N LYS D 56 -9.56 2.68 4.40
CA LYS D 56 -9.19 1.97 5.62
C LYS D 56 -8.96 2.98 6.73
N ARG D 57 -9.23 2.57 7.96
CA ARG D 57 -9.07 3.46 9.10
C ARG D 57 -7.88 3.02 9.94
N TYR D 58 -6.99 3.96 10.25
CA TYR D 58 -5.81 3.65 11.04
C TYR D 58 -6.18 3.36 12.49
N ASN D 59 -5.28 2.69 13.19
CA ASN D 59 -5.54 2.29 14.57
C ASN D 59 -5.70 3.51 15.47
N GLY D 60 -6.72 3.47 16.32
CA GLY D 60 -6.98 4.54 17.26
C GLY D 60 -7.88 5.64 16.74
N VAL D 61 -8.21 5.64 15.45
CA VAL D 61 -9.05 6.68 14.87
C VAL D 61 -10.50 6.45 15.28
N PRO D 62 -11.18 7.45 15.83
CA PRO D 62 -12.61 7.29 16.15
C PRO D 62 -13.43 7.03 14.89
N ASP D 63 -14.54 6.33 15.08
CA ASP D 63 -15.30 5.81 13.95
C ASP D 63 -16.00 6.92 13.13
N ARG D 64 -16.03 8.15 13.62
CA ARG D 64 -16.75 9.20 12.92
C ARG D 64 -16.01 9.70 11.68
N PHE D 65 -14.78 9.26 11.44
CA PHE D 65 -14.04 9.62 10.25
C PHE D 65 -14.21 8.53 9.20
N THR D 66 -14.66 8.90 8.00
CA THR D 66 -14.81 7.94 6.92
C THR D 66 -14.18 8.48 5.66
N GLY D 67 -13.67 7.57 4.83
CA GLY D 67 -13.09 7.94 3.56
C GLY D 67 -13.64 7.06 2.45
N SER D 68 -13.84 7.67 1.29
CA SER D 68 -14.37 6.93 0.14
C SER D 68 -13.89 7.59 -1.14
N GLY D 69 -14.21 6.97 -2.26
CA GLY D 69 -13.87 7.52 -3.56
C GLY D 69 -12.96 6.57 -4.34
N PHE D 70 -12.81 6.91 -5.62
CA PHE D 70 -12.03 6.07 -6.53
C PHE D 70 -11.91 6.79 -7.87
N GLY D 71 -10.86 6.45 -8.61
CA GLY D 71 -10.63 7.05 -9.90
C GLY D 71 -9.91 8.38 -9.80
N THR D 72 -10.65 9.48 -9.97
CA THR D 72 -10.08 10.81 -9.86
C THR D 72 -10.74 11.67 -8.79
N GLU D 73 -11.64 11.12 -7.97
CA GLU D 73 -12.32 11.88 -6.92
C GLU D 73 -12.40 11.05 -5.66
N PHE D 74 -12.12 11.69 -4.52
CA PHE D 74 -12.18 11.07 -3.21
C PHE D 74 -12.81 12.04 -2.22
N THR D 75 -13.44 11.48 -1.18
CA THR D 75 -14.15 12.26 -0.19
C THR D 75 -13.78 11.81 1.21
N PHE D 76 -13.72 12.77 2.13
CA PHE D 76 -13.42 12.56 3.53
C PHE D 76 -14.55 13.16 4.35
N THR D 77 -15.19 12.35 5.19
CA THR D 77 -16.44 12.73 5.83
C THR D 77 -16.33 12.59 7.35
N ILE D 78 -16.78 13.62 8.06
CA ILE D 78 -16.89 13.60 9.51
C ILE D 78 -18.38 13.64 9.84
N SER D 79 -18.88 12.58 10.50
CA SER D 79 -20.31 12.50 10.75
C SER D 79 -20.75 13.44 11.87
N THR D 80 -19.98 13.51 12.95
CA THR D 80 -20.33 14.31 14.12
C THR D 80 -19.11 15.10 14.57
N VAL D 81 -19.07 16.39 14.24
CA VAL D 81 -17.92 17.21 14.58
C VAL D 81 -17.92 17.52 16.07
N GLN D 82 -16.80 17.25 16.72
CA GLN D 82 -16.61 17.53 18.13
C GLN D 82 -15.81 18.82 18.30
N ALA D 83 -15.52 19.16 19.56
CA ALA D 83 -14.75 20.36 19.84
C ALA D 83 -13.27 20.15 19.52
N GLU D 84 -12.76 18.94 19.72
CA GLU D 84 -11.34 18.68 19.51
C GLU D 84 -11.01 18.21 18.10
N ASP D 85 -11.87 18.49 17.12
CA ASP D 85 -11.58 18.14 15.74
C ASP D 85 -11.11 19.33 14.91
N LEU D 86 -10.83 20.45 15.59
CA LEU D 86 -10.30 21.66 14.90
C LEU D 86 -8.88 21.37 14.40
N ALA D 87 -8.64 21.50 13.10
CA ALA D 87 -7.33 21.16 12.55
C ALA D 87 -7.18 21.62 11.10
N VAL D 88 -6.12 21.15 10.44
CA VAL D 88 -5.94 21.29 9.00
C VAL D 88 -5.79 19.90 8.40
N TYR D 89 -6.52 19.63 7.33
CA TYR D 89 -6.60 18.28 6.77
C TYR D 89 -6.01 18.27 5.36
N PHE D 90 -5.16 17.27 5.09
CA PHE D 90 -4.45 17.13 3.83
C PHE D 90 -4.78 15.81 3.15
N CYS D 91 -4.84 15.82 1.82
CA CYS D 91 -4.90 14.60 1.05
C CYS D 91 -3.64 14.45 0.21
N GLN D 92 -3.09 13.24 0.22
CA GLN D 92 -1.83 12.96 -0.47
C GLN D 92 -1.99 11.72 -1.33
N GLN D 93 -1.36 11.71 -2.49
CA GLN D 93 -1.33 10.53 -3.35
C GLN D 93 0.09 10.00 -3.47
N ASP D 94 0.22 8.68 -3.47
CA ASP D 94 1.50 8.03 -3.70
C ASP D 94 1.39 6.99 -4.81
N TYR D 95 0.59 7.29 -5.84
CA TYR D 95 0.47 6.37 -6.97
C TYR D 95 1.70 6.42 -7.86
N SER D 96 2.23 7.62 -8.10
CA SER D 96 3.39 7.77 -8.97
C SER D 96 4.26 8.92 -8.46
N SER D 97 5.56 8.68 -8.46
CA SER D 97 6.52 9.68 -8.02
C SER D 97 6.58 10.84 -9.02
N PRO D 98 6.75 12.09 -8.54
CA PRO D 98 6.85 12.53 -7.14
C PRO D 98 5.50 12.54 -6.44
N TRP D 99 5.49 12.47 -5.12
CA TRP D 99 4.24 12.41 -4.37
C TRP D 99 3.82 13.80 -3.93
N THR D 100 2.57 14.15 -4.20
CA THR D 100 2.07 15.50 -4.02
C THR D 100 0.98 15.55 -2.97
N PHE D 101 0.96 16.64 -2.21
CA PHE D 101 -0.04 16.88 -1.18
C PHE D 101 -1.07 17.88 -1.67
N GLY D 102 -2.27 17.77 -1.14
CA GLY D 102 -3.30 18.74 -1.44
C GLY D 102 -3.08 20.05 -0.70
N GLY D 103 -3.91 21.03 -1.03
CA GLY D 103 -3.79 22.34 -0.41
C GLY D 103 -4.19 22.40 1.05
N GLY D 104 -5.02 21.49 1.50
CA GLY D 104 -5.40 21.45 2.90
C GLY D 104 -6.61 22.30 3.21
N THR D 105 -7.50 21.74 4.02
CA THR D 105 -8.72 22.42 4.45
C THR D 105 -8.59 22.75 5.93
N LYS D 106 -8.85 24.01 6.28
CA LYS D 106 -8.74 24.47 7.67
C LYS D 106 -10.14 24.49 8.28
N LEU D 107 -10.32 23.73 9.36
CA LEU D 107 -11.63 23.57 9.97
C LEU D 107 -11.74 24.50 11.18
N GLU D 108 -12.85 25.25 11.26
CA GLU D 108 -13.09 26.18 12.34
C GLU D 108 -14.47 25.93 12.93
N ILE D 109 -14.62 26.23 14.22
CA ILE D 109 -15.81 25.88 14.99
C ILE D 109 -16.54 27.17 15.37
N LYS D 110 -17.86 27.15 15.27
CA LYS D 110 -18.67 28.27 15.75
C LYS D 110 -19.13 28.02 17.18
N ARG D 111 -19.64 29.07 17.82
CA ARG D 111 -20.20 28.98 19.16
C ARG D 111 -20.98 30.26 19.45
N ALA D 112 -21.46 30.38 20.68
CA ALA D 112 -22.16 31.58 21.09
C ALA D 112 -21.18 32.73 21.30
N ASP D 113 -21.66 33.95 21.13
CA ASP D 113 -20.83 35.13 21.31
C ASP D 113 -20.48 35.32 22.78
N ALA D 114 -19.26 35.79 23.03
CA ALA D 114 -18.77 35.98 24.39
C ALA D 114 -17.98 37.27 24.47
N ALA D 115 -18.16 38.01 25.55
CA ALA D 115 -17.46 39.27 25.75
C ALA D 115 -15.99 39.00 26.11
N PRO D 116 -15.10 39.93 25.81
CA PRO D 116 -13.68 39.73 26.12
C PRO D 116 -13.35 40.17 27.54
N THR D 117 -12.31 39.55 28.10
CA THR D 117 -11.76 40.00 29.38
C THR D 117 -10.50 40.80 29.10
N VAL D 118 -10.46 42.05 29.59
CA VAL D 118 -9.41 43.01 29.23
C VAL D 118 -8.55 43.28 30.46
N SER D 119 -7.23 43.18 30.28
CA SER D 119 -6.26 43.51 31.31
C SER D 119 -5.16 44.36 30.70
N ILE D 120 -4.55 45.22 31.52
CA ILE D 120 -3.52 46.14 31.06
C ILE D 120 -2.30 46.01 31.97
N PHE D 121 -1.11 46.17 31.40
CA PHE D 121 0.14 46.01 32.12
C PHE D 121 1.08 47.14 31.74
N PRO D 122 1.51 47.98 32.69
CA PRO D 122 2.50 49.02 32.39
C PRO D 122 3.88 48.42 32.19
N PRO D 123 4.81 49.16 31.61
CA PRO D 123 6.17 48.64 31.44
C PRO D 123 6.82 48.32 32.78
N SER D 124 7.60 47.24 32.79
CA SER D 124 8.27 46.81 34.01
C SER D 124 9.46 47.73 34.31
N SER D 125 9.97 47.62 35.54
CA SER D 125 11.09 48.46 35.95
C SER D 125 12.36 48.15 35.15
N GLU D 126 12.59 46.88 34.84
CA GLU D 126 13.82 46.51 34.15
C GLU D 126 13.85 47.07 32.72
N GLN D 127 12.73 47.00 32.02
CA GLN D 127 12.68 47.57 30.67
C GLN D 127 12.88 49.08 30.71
N LEU D 128 12.30 49.75 31.72
CA LEU D 128 12.55 51.17 31.88
C LEU D 128 14.03 51.44 32.13
N THR D 129 14.67 50.60 32.95
CA THR D 129 16.11 50.72 33.15
C THR D 129 16.88 50.55 31.85
N SER D 130 16.39 49.69 30.95
CA SER D 130 17.03 49.47 29.67
C SER D 130 16.78 50.60 28.67
N GLY D 131 15.87 51.53 28.98
CA GLY D 131 15.60 52.65 28.11
C GLY D 131 14.33 52.55 27.30
N GLY D 132 13.69 51.38 27.25
CA GLY D 132 12.45 51.23 26.51
C GLY D 132 11.23 51.15 27.41
N ALA D 133 10.04 51.07 26.82
CA ALA D 133 8.81 50.94 27.60
C ALA D 133 7.77 50.24 26.74
N SER D 134 7.30 49.08 27.21
CA SER D 134 6.28 48.32 26.52
C SER D 134 5.03 48.25 27.39
N VAL D 135 3.92 48.79 26.88
CA VAL D 135 2.63 48.69 27.55
C VAL D 135 1.86 47.57 26.88
N VAL D 136 1.35 46.63 27.67
CA VAL D 136 0.73 45.41 27.16
C VAL D 136 -0.77 45.46 27.46
N CYS D 137 -1.57 44.97 26.53
CA CYS D 137 -3.02 44.85 26.72
C CYS D 137 -3.42 43.44 26.29
N PHE D 138 -3.99 42.68 27.23
CA PHE D 138 -4.41 41.32 26.98
C PHE D 138 -5.94 41.25 26.91
N LEU D 139 -6.45 40.63 25.86
CA LEU D 139 -7.88 40.44 25.68
C LEU D 139 -8.12 38.93 25.53
N ASN D 140 -8.64 38.32 26.59
CA ASN D 140 -8.76 36.87 26.68
C ASN D 140 -10.21 36.43 26.53
N ASN D 141 -10.38 35.31 25.83
CA ASN D 141 -11.65 34.59 25.77
C ASN D 141 -12.80 35.41 25.20
N PHE D 142 -12.73 35.77 23.92
CA PHE D 142 -13.84 36.37 23.22
C PHE D 142 -14.16 35.59 21.95
N TYR D 143 -15.32 35.91 21.36
CA TYR D 143 -15.74 35.34 20.10
C TYR D 143 -16.82 36.25 19.53
N PRO D 144 -16.82 36.53 18.22
CA PRO D 144 -15.93 36.03 17.17
C PRO D 144 -14.59 36.75 17.10
N LYS D 145 -13.77 36.38 16.11
CA LYS D 145 -12.40 36.90 16.00
C LYS D 145 -12.36 38.40 15.76
N ASP D 146 -13.32 38.93 15.00
CA ASP D 146 -13.30 40.34 14.65
C ASP D 146 -13.35 41.21 15.89
N ILE D 147 -12.42 42.15 16.01
CA ILE D 147 -12.31 43.00 17.19
C ILE D 147 -11.40 44.17 16.84
N ASN D 148 -11.65 45.31 17.49
CA ASN D 148 -10.85 46.51 17.29
C ASN D 148 -10.23 46.94 18.61
N VAL D 149 -8.93 47.26 18.57
CA VAL D 149 -8.18 47.65 19.75
C VAL D 149 -7.62 49.05 19.52
N LYS D 150 -7.85 49.95 20.47
CA LYS D 150 -7.41 51.33 20.37
C LYS D 150 -6.58 51.72 21.58
N TRP D 151 -5.44 52.37 21.33
CA TRP D 151 -4.58 52.90 22.37
C TRP D 151 -4.82 54.39 22.54
N LYS D 152 -5.02 54.82 23.78
CA LYS D 152 -5.22 56.23 24.09
C LYS D 152 -4.23 56.68 25.15
N ILE D 153 -3.33 57.57 24.78
CA ILE D 153 -2.38 58.17 25.70
C ILE D 153 -2.91 59.55 26.07
N ASP D 154 -3.28 59.73 27.33
CA ASP D 154 -3.88 60.97 27.83
C ASP D 154 -5.11 61.35 27.00
N GLY D 155 -5.85 60.34 26.55
CA GLY D 155 -7.03 60.56 25.74
C GLY D 155 -6.79 60.72 24.26
N SER D 156 -5.54 60.76 23.82
CA SER D 156 -5.20 60.93 22.42
C SER D 156 -4.93 59.58 21.77
N GLU D 157 -5.54 59.36 20.61
CA GLU D 157 -5.38 58.09 19.91
C GLU D 157 -3.96 57.93 19.39
N GLY D 161 3.74 52.34 16.67
CA GLY D 161 4.28 51.48 17.69
C GLY D 161 3.33 50.44 18.22
N VAL D 162 2.28 50.11 17.49
CA VAL D 162 1.26 49.16 17.94
C VAL D 162 1.46 47.84 17.20
N LEU D 163 1.64 46.76 17.96
CA LEU D 163 1.79 45.42 17.41
C LEU D 163 0.65 44.55 17.93
N ASN D 164 0.01 43.81 17.03
CA ASN D 164 -1.12 42.97 17.36
C ASN D 164 -0.80 41.51 17.07
N SER D 165 -1.14 40.64 18.02
CA SER D 165 -0.94 39.21 17.86
C SER D 165 -2.20 38.47 18.27
N TRP D 166 -2.62 37.52 17.43
CA TRP D 166 -3.78 36.71 17.71
C TRP D 166 -3.39 35.24 17.86
N THR D 167 -3.90 34.61 18.90
CA THR D 167 -3.69 33.18 19.10
C THR D 167 -4.57 32.36 18.17
N ASP D 168 -4.21 31.10 18.02
CA ASP D 168 -5.08 30.17 17.30
C ASP D 168 -6.30 29.83 18.17
N GLN D 169 -7.36 29.41 17.51
CA GLN D 169 -8.59 29.08 18.22
C GLN D 169 -8.34 27.94 19.21
N ASP D 170 -8.78 28.14 20.44
CA ASP D 170 -8.55 27.14 21.48
C ASP D 170 -9.39 25.90 21.20
N SER D 171 -8.79 24.73 21.45
CA SER D 171 -9.45 23.47 21.13
C SER D 171 -10.40 23.00 22.23
N LYS D 172 -10.53 23.75 23.33
CA LYS D 172 -11.39 23.37 24.43
C LYS D 172 -12.68 24.17 24.49
N ASP D 173 -12.59 25.50 24.42
CA ASP D 173 -13.76 26.37 24.48
C ASP D 173 -13.93 27.25 23.26
N SER D 174 -13.02 27.17 22.29
CA SER D 174 -13.14 27.83 21.00
C SER D 174 -13.24 29.35 21.11
N THR D 175 -12.32 29.99 21.82
CA THR D 175 -12.27 31.44 21.90
C THR D 175 -10.94 31.97 21.38
N TYR D 176 -10.95 33.24 20.97
CA TYR D 176 -9.77 33.91 20.46
C TYR D 176 -9.26 34.93 21.48
N SER D 177 -7.95 34.99 21.62
CA SER D 177 -7.30 35.92 22.54
C SER D 177 -6.27 36.74 21.80
N MET D 178 -6.17 38.02 22.18
CA MET D 178 -5.37 39.00 21.44
C MET D 178 -4.44 39.74 22.37
N SER D 179 -3.23 39.98 21.90
CA SER D 179 -2.24 40.76 22.62
C SER D 179 -1.91 42.01 21.82
N SER D 180 -2.00 43.16 22.47
CA SER D 180 -1.66 44.45 21.86
C SER D 180 -0.49 45.05 22.62
N THR D 181 0.58 45.38 21.90
CA THR D 181 1.81 45.89 22.49
C THR D 181 2.08 47.29 21.96
N LEU D 182 2.30 48.24 22.87
CA LEU D 182 2.72 49.59 22.52
C LEU D 182 4.17 49.77 22.97
N THR D 183 5.05 50.09 22.03
CA THR D 183 6.47 50.25 22.30
C THR D 183 6.86 51.71 22.16
N LEU D 184 7.45 52.27 23.22
CA LEU D 184 7.87 53.66 23.25
C LEU D 184 9.21 53.78 23.94
N THR D 185 9.80 54.97 23.84
CA THR D 185 11.02 55.26 24.58
C THR D 185 10.69 55.54 26.04
N LYS D 186 11.73 55.49 26.88
CA LYS D 186 11.55 55.76 28.30
C LYS D 186 11.05 57.17 28.54
N ASP D 187 11.64 58.15 27.85
CA ASP D 187 11.25 59.54 28.03
C ASP D 187 9.81 59.76 27.58
N GLU D 188 9.42 59.17 26.46
CA GLU D 188 8.05 59.33 25.97
C GLU D 188 7.05 58.73 26.95
N TYR D 189 7.36 57.56 27.50
CA TYR D 189 6.47 56.95 28.49
C TYR D 189 6.38 57.80 29.75
N GLU D 190 7.52 58.36 30.20
CA GLU D 190 7.52 59.17 31.40
C GLU D 190 6.90 60.55 31.20
N ARG D 191 6.75 61.01 29.96
CA ARG D 191 6.14 62.30 29.68
C ARG D 191 4.61 62.27 29.76
N HIS D 192 4.02 61.10 29.92
CA HIS D 192 2.57 60.95 29.99
C HIS D 192 2.21 60.07 31.18
N ASN D 193 0.98 60.23 31.66
CA ASN D 193 0.52 59.52 32.85
C ASN D 193 -0.59 58.53 32.53
N SER D 194 -1.67 58.97 31.89
CA SER D 194 -2.82 58.11 31.63
C SER D 194 -2.60 57.30 30.36
N TYR D 195 -2.88 56.00 30.44
CA TYR D 195 -2.83 55.10 29.29
C TYR D 195 -4.05 54.20 29.32
N THR D 196 -4.73 54.09 28.19
CA THR D 196 -6.02 53.41 28.11
C THR D 196 -6.04 52.45 26.93
N CYS D 197 -6.48 51.22 27.17
CA CYS D 197 -6.74 50.23 26.14
C CYS D 197 -8.26 50.13 25.97
N GLU D 198 -8.74 50.33 24.74
CA GLU D 198 -10.16 50.31 24.44
C GLU D 198 -10.45 49.19 23.46
N ALA D 199 -11.46 48.38 23.77
CA ALA D 199 -11.85 47.24 22.95
C ALA D 199 -13.24 47.47 22.38
N THR D 200 -13.39 47.31 21.07
CA THR D 200 -14.68 47.32 20.41
C THR D 200 -14.92 45.94 19.83
N HIS D 201 -16.04 45.33 20.21
CA HIS D 201 -16.35 43.97 19.80
C HIS D 201 -17.83 43.86 19.46
N LYS D 202 -18.17 42.79 18.73
CA LYS D 202 -19.54 42.54 18.34
C LYS D 202 -20.47 42.34 19.53
N THR D 203 -19.98 41.73 20.61
CA THR D 203 -20.81 41.38 21.75
C THR D 203 -21.37 42.58 22.50
N SER D 204 -20.84 43.77 22.27
CA SER D 204 -21.29 44.95 23.00
C SER D 204 -21.34 46.14 22.07
N THR D 205 -22.13 47.16 22.45
CA THR D 205 -22.18 48.39 21.69
C THR D 205 -21.26 49.47 22.24
N SER D 206 -20.79 49.32 23.49
CA SER D 206 -19.88 50.26 24.10
C SER D 206 -18.51 49.62 24.30
N PRO D 207 -17.44 50.34 23.96
CA PRO D 207 -16.09 49.77 24.13
C PRO D 207 -15.76 49.50 25.59
N ILE D 208 -15.04 48.41 25.81
CA ILE D 208 -14.52 48.10 27.15
C ILE D 208 -13.23 48.87 27.34
N VAL D 209 -13.14 49.62 28.42
CA VAL D 209 -12.03 50.54 28.68
C VAL D 209 -11.27 50.06 29.90
N LYS D 210 -9.97 49.82 29.73
CA LYS D 210 -9.08 49.55 30.85
C LYS D 210 -7.98 50.60 30.87
N SER D 211 -7.88 51.34 31.97
CA SER D 211 -7.00 52.49 32.04
C SER D 211 -6.12 52.39 33.27
N PHE D 212 -4.92 52.97 33.16
CA PHE D 212 -4.02 53.07 34.29
C PHE D 212 -3.26 54.39 34.21
N ASN D 213 -2.66 54.77 35.33
CA ASN D 213 -1.84 55.97 35.42
C ASN D 213 -0.45 55.59 35.90
N ARG D 214 0.57 56.18 35.28
CA ARG D 214 1.95 55.86 35.65
C ARG D 214 2.24 56.24 37.09
N GLY D 215 1.75 57.42 37.49
CA GLY D 215 1.94 57.86 38.89
C GLY D 215 1.32 56.87 39.84
N GLU D 216 0.20 56.26 39.45
CA GLU D 216 -0.49 55.25 40.30
C GLU D 216 0.29 53.92 40.23
N CYS D 217 0.25 53.13 41.32
CA CYS D 217 0.94 51.82 41.33
C CYS D 217 0.35 50.96 42.46
N GLY E 3 9.46 -0.80 22.19
CA GLY E 3 8.70 0.26 22.84
C GLY E 3 8.11 1.25 21.86
N GLU E 4 7.85 2.46 22.34
CA GLU E 4 7.29 3.50 21.49
C GLU E 4 8.30 3.92 20.43
N VAL E 5 7.81 4.12 19.20
CA VAL E 5 8.68 4.56 18.12
C VAL E 5 9.06 6.02 18.33
N LYS E 6 10.35 6.31 18.31
CA LYS E 6 10.85 7.65 18.53
C LYS E 6 11.75 8.07 17.37
N LEU E 7 11.51 9.27 16.86
CA LEU E 7 12.36 9.90 15.85
C LEU E 7 12.79 11.25 16.40
N LEU E 8 14.10 11.51 16.37
CA LEU E 8 14.66 12.70 17.00
C LEU E 8 15.59 13.39 16.01
N GLU E 9 15.23 14.60 15.59
CA GLU E 9 16.05 15.35 14.65
C GLU E 9 17.05 16.23 15.38
N SER E 10 18.10 16.61 14.66
CA SER E 10 19.11 17.53 15.18
C SER E 10 19.87 18.15 14.02
N GLY E 11 20.52 19.28 14.31
CA GLY E 11 21.33 19.98 13.33
C GLY E 11 20.73 21.27 12.80
N GLY E 12 19.51 21.60 13.16
CA GLY E 12 18.87 22.79 12.66
C GLY E 12 19.35 24.05 13.35
N GLY E 13 18.87 25.18 12.86
CA GLY E 13 19.23 26.47 13.40
C GLY E 13 19.42 27.48 12.30
N LEU E 14 20.33 28.42 12.53
CA LEU E 14 20.61 29.49 11.58
C LEU E 14 21.82 29.14 10.73
N VAL E 15 21.71 29.33 9.43
CA VAL E 15 22.81 29.11 8.50
C VAL E 15 22.88 30.28 7.53
N GLN E 16 24.08 30.82 7.33
CA GLN E 16 24.25 31.92 6.40
C GLN E 16 24.06 31.44 4.96
N PRO E 17 23.53 32.28 4.08
CA PRO E 17 23.31 31.87 2.70
C PRO E 17 24.63 31.51 2.01
N GLY E 18 24.56 30.51 1.14
CA GLY E 18 25.72 30.06 0.40
C GLY E 18 26.53 28.97 1.06
N ARG E 19 26.25 28.64 2.31
CA ARG E 19 26.97 27.60 3.02
C ARG E 19 26.32 26.24 2.76
N SER E 20 26.74 25.23 3.51
CA SER E 20 26.19 23.90 3.44
C SER E 20 25.54 23.55 4.77
N LEU E 21 24.60 22.61 4.73
CA LEU E 21 23.83 22.25 5.92
C LEU E 21 23.74 20.74 6.03
N ARG E 22 23.85 20.23 7.24
CA ARG E 22 23.81 18.79 7.51
C ARG E 22 22.86 18.53 8.67
N LEU E 23 21.78 17.81 8.39
CA LEU E 23 20.79 17.44 9.39
C LEU E 23 20.84 15.95 9.67
N SER E 24 20.62 15.58 10.93
CA SER E 24 20.62 14.18 11.34
C SER E 24 19.30 13.84 12.00
N CYS E 25 18.92 12.57 11.91
CA CYS E 25 17.67 12.08 12.48
C CYS E 25 17.92 10.67 13.02
N ILE E 26 17.73 10.50 14.32
CA ILE E 26 17.97 9.22 14.99
C ILE E 26 16.64 8.54 15.24
N ALA E 27 16.55 7.27 14.86
CA ALA E 27 15.34 6.47 15.02
C ALA E 27 15.56 5.40 16.08
N SER E 28 14.52 5.10 16.84
CA SER E 28 14.60 4.05 17.84
C SER E 28 13.21 3.46 18.05
N GLY E 29 13.19 2.20 18.49
CA GLY E 29 11.96 1.52 18.78
C GLY E 29 11.48 0.54 17.72
N PHE E 30 12.24 0.36 16.64
CA PHE E 30 11.86 -0.57 15.59
C PHE E 30 13.10 -1.01 14.84
N ASP E 31 12.93 -1.99 13.95
CA ASP E 31 14.03 -2.50 13.16
C ASP E 31 14.39 -1.50 12.07
N PHE E 32 15.49 -0.76 12.27
CA PHE E 32 15.81 0.37 11.40
C PHE E 32 16.21 -0.09 10.01
N SER E 33 16.64 -1.35 9.88
CA SER E 33 17.14 -1.83 8.59
C SER E 33 16.09 -2.57 7.78
N GLY E 34 14.82 -2.23 7.92
CA GLY E 34 13.76 -2.89 7.18
C GLY E 34 12.77 -1.99 6.48
N TYR E 35 12.80 -0.68 6.71
CA TYR E 35 11.80 0.23 6.18
C TYR E 35 12.48 1.37 5.42
N TRP E 36 11.73 1.98 4.51
CA TRP E 36 12.27 3.13 3.78
C TRP E 36 12.25 4.35 4.69
N MET E 37 13.14 5.31 4.44
CA MET E 37 13.20 6.50 5.26
C MET E 37 13.09 7.75 4.40
N THR E 38 12.29 8.71 4.86
CA THR E 38 11.86 9.83 4.06
C THR E 38 12.18 11.13 4.78
N TRP E 39 12.63 12.12 4.02
CA TRP E 39 12.75 13.50 4.48
C TRP E 39 11.69 14.34 3.79
N VAL E 40 10.94 15.10 4.60
CA VAL E 40 9.87 15.98 4.14
C VAL E 40 10.09 17.35 4.78
N ARG E 41 9.62 18.40 4.13
CA ARG E 41 9.77 19.75 4.66
C ARG E 41 8.49 20.55 4.47
N GLN E 42 8.33 21.56 5.32
CA GLN E 42 7.15 22.43 5.27
C GLN E 42 7.62 23.87 5.38
N ALA E 43 7.21 24.72 4.45
CA ALA E 43 7.49 26.14 4.54
C ALA E 43 6.61 26.74 5.65
N PRO E 44 7.05 27.86 6.24
CA PRO E 44 6.24 28.48 7.31
C PRO E 44 4.91 28.98 6.80
N GLY E 45 3.81 28.38 7.27
CA GLY E 45 2.49 28.79 6.87
C GLY E 45 2.01 28.26 5.55
N LYS E 46 2.69 27.26 4.98
CA LYS E 46 2.32 26.69 3.69
C LYS E 46 2.04 25.20 3.84
N GLY E 47 1.81 24.54 2.71
CA GLY E 47 1.59 23.12 2.68
C GLY E 47 2.89 22.34 2.66
N LEU E 48 2.76 21.03 2.93
CA LEU E 48 3.92 20.15 2.99
C LEU E 48 4.52 19.96 1.61
N GLU E 49 5.83 19.71 1.58
CA GLU E 49 6.54 19.40 0.33
C GLU E 49 7.45 18.22 0.57
N TRP E 50 7.46 17.28 -0.37
CA TRP E 50 8.22 16.05 -0.22
C TRP E 50 9.63 16.23 -0.76
N ILE E 51 10.63 15.89 0.04
CA ILE E 51 12.03 16.04 -0.36
C ILE E 51 12.57 14.76 -0.98
N GLY E 52 12.48 13.64 -0.28
CA GLY E 52 12.96 12.41 -0.86
C GLY E 52 12.95 11.26 0.12
N ASP E 53 13.42 10.11 -0.36
CA ASP E 53 13.50 8.94 0.50
C ASP E 53 14.53 7.95 -0.03
N ILE E 54 14.91 7.03 0.85
CA ILE E 54 16.00 6.08 0.60
C ILE E 54 15.59 4.71 1.12
N ASN E 55 16.14 3.66 0.50
CA ASN E 55 15.79 2.27 0.76
C ASN E 55 16.75 1.66 1.78
N PRO E 56 16.47 0.44 2.27
CA PRO E 56 17.28 -0.08 3.39
C PRO E 56 18.77 -0.16 3.15
N ASP E 57 19.22 -0.52 1.95
CA ASP E 57 20.64 -0.72 1.72
C ASP E 57 21.29 0.35 0.85
N SER E 58 20.68 1.53 0.77
CA SER E 58 21.25 2.69 0.08
C SER E 58 21.52 2.44 -1.40
N SER E 59 20.71 1.59 -2.05
CA SER E 59 20.91 1.33 -3.47
C SER E 59 20.08 2.26 -4.35
N THR E 60 18.87 2.62 -3.93
CA THR E 60 17.98 3.46 -4.71
C THR E 60 17.55 4.65 -3.85
N ILE E 61 17.65 5.85 -4.42
CA ILE E 61 17.26 7.08 -3.75
C ILE E 61 16.28 7.82 -4.65
N ASN E 62 15.12 8.17 -4.12
CA ASN E 62 14.17 9.00 -4.85
C ASN E 62 14.20 10.41 -4.30
N SER E 63 14.13 11.38 -5.21
CA SER E 63 14.16 12.78 -4.82
C SER E 63 13.31 13.59 -5.79
N THR E 64 12.80 14.72 -5.29
CA THR E 64 12.01 15.61 -6.12
C THR E 64 12.85 16.15 -7.26
N PRO E 65 12.31 16.25 -8.48
CA PRO E 65 13.11 16.77 -9.60
C PRO E 65 13.69 18.15 -9.37
N SER E 66 12.95 19.05 -8.72
CA SER E 66 13.45 20.40 -8.52
C SER E 66 14.54 20.49 -7.46
N LEU E 67 14.72 19.44 -6.65
CA LEU E 67 15.78 19.40 -5.65
C LEU E 67 16.75 18.24 -5.86
N LYS E 68 16.82 17.71 -7.08
CA LYS E 68 17.64 16.52 -7.31
C LYS E 68 19.13 16.84 -7.19
N ASP E 69 19.54 18.01 -7.67
CA ASP E 69 20.95 18.36 -7.71
C ASP E 69 21.46 19.05 -6.45
N LYS E 70 20.57 19.35 -5.50
CA LYS E 70 20.94 20.14 -4.33
C LYS E 70 21.07 19.35 -3.04
N VAL E 71 20.43 18.17 -2.95
CA VAL E 71 20.38 17.44 -1.69
C VAL E 71 21.04 16.07 -1.88
N ILE E 72 21.54 15.53 -0.77
CA ILE E 72 22.15 14.21 -0.73
C ILE E 72 21.67 13.52 0.53
N ILE E 73 21.01 12.37 0.37
CA ILE E 73 20.46 11.61 1.48
C ILE E 73 21.34 10.40 1.71
N SER E 74 21.55 10.04 2.98
CA SER E 74 22.32 8.85 3.33
C SER E 74 21.79 8.28 4.63
N ARG E 75 22.18 7.04 4.93
CA ARG E 75 21.72 6.39 6.15
C ARG E 75 22.82 5.51 6.71
N ASP E 76 22.74 5.22 8.00
CA ASP E 76 23.70 4.38 8.70
C ASP E 76 22.90 3.47 9.64
N ASN E 77 22.87 2.18 9.32
CA ASN E 77 22.12 1.23 10.14
C ASN E 77 22.90 0.81 11.38
N ALA E 78 24.21 1.11 11.42
CA ALA E 78 24.99 0.79 12.60
C ALA E 78 24.57 1.63 13.79
N LYS E 79 24.32 2.93 13.57
CA LYS E 79 23.93 3.83 14.63
C LYS E 79 22.45 4.19 14.61
N ASN E 80 21.68 3.58 13.71
CA ASN E 80 20.27 3.95 13.50
C ASN E 80 20.15 5.45 13.24
N THR E 81 20.77 5.92 12.15
CA THR E 81 20.85 7.34 11.87
C THR E 81 20.54 7.59 10.41
N LEU E 82 19.95 8.75 10.13
CA LEU E 82 19.67 9.20 8.77
C LEU E 82 20.22 10.62 8.60
N PHE E 83 20.88 10.87 7.48
CA PHE E 83 21.55 12.14 7.24
C PHE E 83 21.01 12.79 5.96
N LEU E 84 20.85 14.11 6.02
CA LEU E 84 20.50 14.92 4.85
C LEU E 84 21.55 16.03 4.73
N GLN E 85 22.07 16.22 3.53
CA GLN E 85 23.05 17.28 3.28
C GLN E 85 22.59 18.15 2.13
N MET E 86 22.64 19.47 2.33
CA MET E 86 22.28 20.44 1.30
C MET E 86 23.45 21.38 1.07
N SER E 87 23.60 21.82 -0.17
CA SER E 87 24.68 22.73 -0.57
C SER E 87 24.09 23.95 -1.24
N LYS E 88 24.68 25.11 -0.93
CA LYS E 88 24.28 26.39 -1.49
C LYS E 88 22.81 26.69 -1.19
N VAL E 89 22.48 26.72 0.10
CA VAL E 89 21.12 27.02 0.51
C VAL E 89 20.82 28.49 0.27
N ARG E 90 19.56 28.79 0.02
CA ARG E 90 19.10 30.16 -0.22
C ARG E 90 17.99 30.51 0.78
N SER E 91 17.47 31.72 0.65
CA SER E 91 16.43 32.17 1.55
C SER E 91 15.15 31.36 1.40
N GLU E 92 14.96 30.72 0.25
CA GLU E 92 13.75 29.94 0.01
C GLU E 92 13.72 28.64 0.81
N ASP E 93 14.83 28.25 1.45
CA ASP E 93 14.88 27.00 2.19
C ASP E 93 14.57 27.16 3.67
N THR E 94 14.21 28.37 4.12
CA THR E 94 13.79 28.55 5.50
C THR E 94 12.52 27.76 5.76
N ALA E 95 12.60 26.73 6.59
CA ALA E 95 11.47 25.81 6.69
C ALA E 95 11.61 24.93 7.93
N LEU E 96 10.69 23.99 8.04
CA LEU E 96 10.69 23.01 9.13
C LEU E 96 10.79 21.61 8.53
N TYR E 97 11.75 20.81 9.00
CA TYR E 97 12.07 19.53 8.38
C TYR E 97 11.65 18.38 9.29
N TYR E 98 10.98 17.38 8.70
CA TYR E 98 10.60 16.16 9.38
C TYR E 98 11.28 14.97 8.73
N CYS E 99 11.64 13.98 9.54
CA CYS E 99 12.01 12.66 9.04
C CYS E 99 10.90 11.68 9.40
N ALA E 100 10.49 10.89 8.40
CA ALA E 100 9.38 9.98 8.54
C ALA E 100 9.77 8.59 8.11
N GLN E 101 9.16 7.59 8.73
CA GLN E 101 9.31 6.21 8.29
C GLN E 101 8.30 5.92 7.19
N ARG E 102 8.73 5.24 6.13
CA ARG E 102 7.84 4.79 5.09
C ARG E 102 7.82 3.26 5.15
N GLY E 103 6.66 2.71 5.51
CA GLY E 103 6.55 1.29 5.76
C GLY E 103 6.00 0.54 4.57
N ASN E 104 6.02 -0.79 4.71
CA ASN E 104 5.55 -1.65 3.63
C ASN E 104 4.05 -1.54 3.43
N TYR E 105 3.27 -1.65 4.50
CA TYR E 105 1.82 -1.72 4.40
C TYR E 105 1.10 -0.45 4.80
N VAL E 106 1.77 0.51 5.41
CA VAL E 106 1.18 1.78 5.81
C VAL E 106 2.06 2.91 5.29
N PRO E 107 1.51 3.88 4.57
CA PRO E 107 2.35 4.98 4.06
C PRO E 107 2.50 6.09 5.08
N PHE E 108 3.75 6.33 5.50
CA PHE E 108 4.10 7.39 6.44
C PHE E 108 3.34 7.29 7.76
N PRO E 109 3.52 6.20 8.52
CA PRO E 109 2.79 6.07 9.78
C PRO E 109 3.40 6.84 10.95
N TYR E 110 4.72 7.05 10.97
CA TYR E 110 5.39 7.71 12.08
C TYR E 110 6.13 8.94 11.60
N TRP E 111 6.00 10.03 12.33
CA TRP E 111 6.62 11.30 11.99
C TRP E 111 7.48 11.79 13.15
N GLY E 112 8.59 12.44 12.82
CA GLY E 112 9.41 13.08 13.82
C GLY E 112 8.85 14.44 14.20
N GLN E 113 9.54 15.06 15.16
CA GLN E 113 9.13 16.39 15.62
C GLN E 113 9.50 17.49 14.63
N GLY E 114 10.62 17.37 13.93
CA GLY E 114 11.00 18.39 12.97
C GLY E 114 11.84 19.49 13.59
N THR E 115 12.76 20.02 12.78
CA THR E 115 13.68 21.06 13.24
C THR E 115 13.61 22.25 12.28
N LEU E 116 13.87 23.44 12.81
CA LEU E 116 13.69 24.66 12.05
C LEU E 116 15.02 25.12 11.47
N VAL E 117 15.01 25.42 10.17
CA VAL E 117 16.19 25.91 9.47
C VAL E 117 15.89 27.31 8.96
N THR E 118 16.73 28.27 9.36
CA THR E 118 16.58 29.67 8.97
C THR E 118 17.84 30.10 8.22
N VAL E 119 17.65 30.51 6.97
CA VAL E 119 18.73 30.99 6.12
C VAL E 119 18.63 32.50 6.06
N SER E 120 19.49 33.19 6.81
CA SER E 120 19.48 34.64 6.84
C SER E 120 20.87 35.15 7.20
N ALA E 121 21.14 36.39 6.82
CA ALA E 121 22.46 36.99 7.05
C ALA E 121 22.54 37.75 8.37
N ALA E 122 21.48 37.74 9.18
CA ALA E 122 21.51 38.45 10.45
C ALA E 122 22.41 37.74 11.45
N LYS E 123 22.58 38.36 12.62
CA LYS E 123 23.44 37.83 13.66
C LYS E 123 22.63 37.45 14.89
N THR E 124 23.07 36.38 15.54
CA THR E 124 22.37 35.86 16.71
C THR E 124 22.44 36.86 17.87
N THR E 125 21.31 37.07 18.53
CA THR E 125 21.23 37.99 19.66
C THR E 125 20.42 37.32 20.77
N PRO E 126 20.93 37.26 21.99
CA PRO E 126 20.18 36.62 23.09
C PRO E 126 18.93 37.40 23.41
N PRO E 127 17.88 36.73 23.85
CA PRO E 127 16.61 37.41 24.16
C PRO E 127 16.70 38.27 25.42
N SER E 128 15.82 39.25 25.48
CA SER E 128 15.64 40.04 26.70
C SER E 128 14.30 39.69 27.32
N VAL E 129 14.32 39.26 28.58
CA VAL E 129 13.13 38.80 29.29
C VAL E 129 12.77 39.84 30.33
N TYR E 130 11.50 40.26 30.33
CA TYR E 130 11.02 41.24 31.28
C TYR E 130 9.76 40.73 31.97
N PRO E 131 9.58 40.99 33.25
CA PRO E 131 8.34 40.58 33.92
C PRO E 131 7.18 41.50 33.54
N LEU E 132 5.97 41.00 33.76
CA LEU E 132 4.74 41.76 33.52
C LEU E 132 3.82 41.46 34.69
N ALA E 133 3.85 42.34 35.70
CA ALA E 133 3.06 42.19 36.89
C ALA E 133 1.82 43.09 36.82
N PRO E 134 0.68 42.62 37.31
CA PRO E 134 -0.54 43.43 37.22
C PRO E 134 -0.45 44.68 38.08
N GLY E 135 -1.16 45.71 37.65
CA GLY E 135 -1.21 46.94 38.40
C GLY E 135 -2.03 46.82 39.67
N SER E 136 -2.02 47.87 40.48
CA SER E 136 -2.75 47.82 41.78
C SER E 136 -4.25 47.70 41.53
N ALA E 137 -4.73 48.14 40.36
CA ALA E 137 -6.17 48.12 40.09
C ALA E 137 -6.65 46.82 39.47
N ALA E 138 -5.77 45.84 39.28
CA ALA E 138 -6.13 44.58 38.65
C ALA E 138 -6.20 43.42 39.64
N GLN E 139 -6.40 43.71 40.92
CA GLN E 139 -6.50 42.68 41.95
C GLN E 139 -7.90 42.59 42.55
N THR E 140 -8.93 42.84 41.75
CA THR E 140 -10.31 42.83 42.20
C THR E 140 -11.10 41.62 41.69
N ASN E 141 -10.45 40.69 41.02
CA ASN E 141 -11.11 39.52 40.46
C ASN E 141 -10.56 38.25 41.09
N SER E 142 -11.39 37.20 41.07
CA SER E 142 -10.96 35.90 41.57
C SER E 142 -9.81 35.33 40.75
N MET E 143 -9.65 35.77 39.51
CA MET E 143 -8.54 35.36 38.66
C MET E 143 -7.68 36.58 38.34
N VAL E 144 -6.37 36.37 38.33
CA VAL E 144 -5.40 37.43 38.10
C VAL E 144 -4.40 36.94 37.04
N THR E 145 -4.03 37.84 36.13
CA THR E 145 -3.16 37.50 35.02
C THR E 145 -1.77 38.10 35.23
N LEU E 146 -0.74 37.29 34.95
CA LEU E 146 0.65 37.71 34.96
C LEU E 146 1.26 37.42 33.60
N GLY E 147 2.47 37.93 33.37
CA GLY E 147 3.07 37.66 32.08
C GLY E 147 4.58 37.83 32.06
N CYS E 148 5.17 37.36 30.97
CA CYS E 148 6.58 37.55 30.68
C CYS E 148 6.74 37.97 29.22
N LEU E 149 7.53 39.01 29.00
CA LEU E 149 7.72 39.59 27.68
C LEU E 149 9.13 39.27 27.19
N VAL E 150 9.22 38.59 26.06
CA VAL E 150 10.50 38.23 25.44
C VAL E 150 10.66 39.13 24.24
N LYS E 151 11.73 39.92 24.22
CA LYS E 151 11.92 40.95 23.20
C LYS E 151 13.34 40.90 22.65
N GLY E 152 13.48 41.25 21.37
CA GLY E 152 14.79 41.47 20.79
C GLY E 152 15.68 40.25 20.71
N TYR E 153 15.15 39.14 20.22
CA TYR E 153 15.93 37.94 20.01
C TYR E 153 15.91 37.55 18.54
N PHE E 154 16.87 36.69 18.17
CA PHE E 154 16.97 36.19 16.81
C PHE E 154 17.90 34.99 16.81
N PRO E 155 17.56 33.90 16.12
CA PRO E 155 16.33 33.66 15.38
C PRO E 155 15.33 32.84 16.18
N GLU E 156 14.25 32.40 15.55
CA GLU E 156 13.30 31.51 16.18
C GLU E 156 13.93 30.13 16.37
N PRO E 157 13.41 29.32 17.31
CA PRO E 157 12.33 29.61 18.26
C PRO E 157 12.81 29.78 19.70
N VAL E 158 11.94 30.30 20.56
CA VAL E 158 12.18 30.35 21.99
C VAL E 158 11.04 29.64 22.70
N THR E 159 11.38 28.90 23.75
CA THR E 159 10.39 28.15 24.51
C THR E 159 10.15 28.83 25.86
N VAL E 160 8.88 29.09 26.17
CA VAL E 160 8.48 29.77 27.40
C VAL E 160 7.59 28.82 28.18
N THR E 161 7.99 28.52 29.42
CA THR E 161 7.21 27.70 30.32
C THR E 161 6.97 28.44 31.63
N TRP E 162 6.00 27.97 32.40
CA TRP E 162 5.67 28.56 33.69
C TRP E 162 5.92 27.54 34.79
N ASN E 163 6.86 27.86 35.69
CA ASN E 163 7.22 27.00 36.81
C ASN E 163 7.58 25.59 36.35
N SER E 164 8.45 25.53 35.34
CA SER E 164 8.99 24.28 34.81
C SER E 164 7.89 23.33 34.35
N GLY E 165 6.82 23.87 33.76
CA GLY E 165 5.78 23.07 33.17
C GLY E 165 4.69 22.62 34.13
N SER E 166 4.81 22.95 35.43
CA SER E 166 3.79 22.57 36.37
C SER E 166 2.46 23.24 36.07
N LEU E 167 2.48 24.52 35.71
CA LEU E 167 1.27 25.27 35.35
C LEU E 167 1.05 25.10 33.86
N SER E 168 0.02 24.35 33.48
CA SER E 168 -0.33 24.13 32.09
C SER E 168 -1.68 24.71 31.69
N SER E 169 -2.58 24.93 32.64
CA SER E 169 -3.89 25.47 32.33
C SER E 169 -3.91 26.99 32.49
N GLY E 170 -4.58 27.66 31.56
CA GLY E 170 -4.68 29.11 31.62
C GLY E 170 -3.48 29.86 31.11
N VAL E 171 -2.71 29.28 30.21
CA VAL E 171 -1.51 29.91 29.66
C VAL E 171 -1.73 30.19 28.19
N HIS E 172 -1.59 31.46 27.80
CA HIS E 172 -1.67 31.89 26.41
C HIS E 172 -0.29 32.36 25.98
N THR E 173 0.23 31.77 24.91
CA THR E 173 1.50 32.15 24.33
C THR E 173 1.28 32.60 22.89
N PHE E 174 1.32 33.91 22.66
CA PHE E 174 1.02 34.55 21.39
C PHE E 174 2.17 34.38 20.41
N PRO E 175 1.89 34.26 19.12
CA PRO E 175 2.96 34.13 18.13
C PRO E 175 3.84 35.37 18.11
N ALA E 176 5.13 35.16 17.82
CA ALA E 176 6.08 36.25 17.82
C ALA E 176 5.91 37.13 16.59
N VAL E 177 6.27 38.41 16.73
CA VAL E 177 6.22 39.38 15.65
C VAL E 177 7.65 39.75 15.28
N LEU E 178 7.93 39.80 13.98
CA LEU E 178 9.25 40.11 13.46
C LEU E 178 9.30 41.56 13.02
N GLN E 179 10.27 42.32 13.52
CA GLN E 179 10.44 43.72 13.18
C GLN E 179 11.92 44.07 13.30
N SER E 180 12.46 44.72 12.26
CA SER E 180 13.87 45.13 12.24
C SER E 180 14.80 43.95 12.52
N ASP E 181 14.47 42.81 11.94
CA ASP E 181 15.19 41.55 12.09
C ASP E 181 15.27 41.07 13.54
N LEU E 182 14.31 41.44 14.37
CA LEU E 182 14.24 40.99 15.76
C LEU E 182 12.82 40.55 16.09
N TYR E 183 12.70 39.51 16.91
CA TYR E 183 11.40 38.97 17.27
C TYR E 183 10.97 39.46 18.64
N THR E 184 9.65 39.59 18.83
CA THR E 184 9.08 40.00 20.10
C THR E 184 7.77 39.26 20.33
N LEU E 185 7.59 38.71 21.53
CA LEU E 185 6.36 38.06 21.92
C LEU E 185 6.12 38.26 23.41
N SER E 186 4.89 38.00 23.84
CA SER E 186 4.51 38.04 25.23
C SER E 186 3.71 36.79 25.56
N SER E 187 3.85 36.33 26.81
CA SER E 187 3.12 35.16 27.26
C SER E 187 2.43 35.47 28.58
N SER E 188 1.17 35.08 28.70
CA SER E 188 0.35 35.41 29.85
C SER E 188 -0.20 34.15 30.50
N VAL E 189 -0.40 34.21 31.81
CA VAL E 189 -0.95 33.11 32.59
C VAL E 189 -1.97 33.66 33.57
N THR E 190 -3.12 33.02 33.67
CA THR E 190 -4.19 33.43 34.57
C THR E 190 -4.32 32.40 35.69
N VAL E 191 -4.19 32.86 36.93
CA VAL E 191 -4.22 31.97 38.09
C VAL E 191 -5.20 32.54 39.11
N PRO E 192 -5.76 31.69 39.97
CA PRO E 192 -6.65 32.18 41.02
C PRO E 192 -5.95 33.21 41.91
N SER E 193 -6.72 34.23 42.32
CA SER E 193 -6.16 35.33 43.08
C SER E 193 -5.64 34.89 44.45
N SER E 194 -6.11 33.75 44.96
CA SER E 194 -5.63 33.25 46.24
C SER E 194 -4.30 32.52 46.14
N THR E 195 -3.81 32.27 44.92
CA THR E 195 -2.55 31.56 44.73
C THR E 195 -1.35 32.49 44.58
N TRP E 196 -1.57 33.74 44.19
CA TRP E 196 -0.48 34.68 43.98
C TRP E 196 -0.79 35.95 44.77
N PRO E 197 0.21 36.61 45.37
CA PRO E 197 1.64 36.27 45.38
C PRO E 197 2.02 35.28 46.48
N SER E 198 1.05 34.51 46.98
CA SER E 198 1.37 33.53 48.02
C SER E 198 2.32 32.45 47.48
N GLU E 199 2.09 32.00 46.25
CA GLU E 199 2.94 30.99 45.63
C GLU E 199 3.81 31.64 44.55
N THR E 200 5.01 31.10 44.39
CA THR E 200 5.98 31.65 43.45
C THR E 200 5.63 31.22 42.02
N VAL E 201 5.60 32.19 41.12
CA VAL E 201 5.40 31.94 39.69
C VAL E 201 6.65 32.41 38.96
N THR E 202 7.27 31.51 38.20
CA THR E 202 8.50 31.80 37.50
C THR E 202 8.38 31.36 36.05
N CYS E 203 8.73 32.24 35.12
CA CYS E 203 8.73 31.91 33.70
C CYS E 203 10.15 31.54 33.26
N ASN E 204 10.26 30.43 32.56
CA ASN E 204 11.54 29.92 32.07
C ASN E 204 11.57 30.11 30.56
N VAL E 205 12.58 30.81 30.07
CA VAL E 205 12.75 31.10 28.65
C VAL E 205 14.03 30.45 28.18
N ALA E 206 13.91 29.59 27.16
CA ALA E 206 15.05 28.89 26.61
C ALA E 206 15.20 29.24 25.13
N HIS E 207 16.42 29.64 24.76
CA HIS E 207 16.76 30.00 23.37
C HIS E 207 17.93 29.11 22.96
N PRO E 208 17.67 27.98 22.32
CA PRO E 208 18.77 27.08 21.92
C PRO E 208 19.76 27.72 20.95
N ALA E 209 19.29 28.59 20.06
CA ALA E 209 20.18 29.19 19.07
C ALA E 209 21.29 30.00 19.72
N SER E 210 20.97 30.80 20.74
CA SER E 210 21.96 31.47 21.54
C SER E 210 22.34 30.68 22.79
N SER E 211 21.75 29.50 22.98
CA SER E 211 22.05 28.63 24.11
C SER E 211 21.88 29.36 25.44
N THR E 212 20.79 30.13 25.55
CA THR E 212 20.55 30.95 26.74
C THR E 212 19.30 30.47 27.46
N LYS E 213 19.45 30.16 28.75
CA LYS E 213 18.33 29.77 29.60
C LYS E 213 18.19 30.79 30.71
N VAL E 214 17.01 31.38 30.84
CA VAL E 214 16.76 32.43 31.83
C VAL E 214 15.50 32.08 32.61
N ASP E 215 15.60 32.09 33.93
CA ASP E 215 14.46 31.91 34.81
C ASP E 215 14.15 33.25 35.48
N LYS E 216 12.93 33.74 35.31
CA LYS E 216 12.53 35.05 35.80
C LYS E 216 11.32 34.87 36.71
N LYS E 217 11.47 35.26 37.98
CA LYS E 217 10.38 35.11 38.93
C LYS E 217 9.40 36.28 38.79
N ILE E 218 8.11 35.97 38.85
CA ILE E 218 7.06 36.99 38.78
C ILE E 218 6.96 37.63 40.15
N VAL E 219 7.28 38.93 40.23
CA VAL E 219 7.31 39.65 41.49
C VAL E 219 6.30 40.79 41.43
N PRO E 220 5.54 41.05 42.50
CA PRO E 220 4.64 42.21 42.50
C PRO E 220 5.43 43.51 42.31
N ARG E 221 4.79 44.46 41.64
CA ARG E 221 5.45 45.73 41.35
C ARG E 221 5.85 46.43 42.63
N ASP E 222 7.08 46.93 42.68
CA ASP E 222 7.61 47.58 43.88
C ASP E 222 7.12 49.02 43.90
N CYS E 223 5.84 49.18 44.26
CA CYS E 223 5.25 50.54 44.32
C CYS E 223 5.56 51.19 45.68
C1 STR F . -28.41 -32.22 -19.82
C2 STR F . -29.43 -31.47 -20.65
C3 STR F . -29.38 -30.01 -20.35
O3 STR F . -30.37 -29.31 -20.26
C4 STR F . -28.04 -29.46 -20.20
C5 STR F . -26.94 -30.22 -20.07
C6 STR F . -25.59 -29.58 -20.00
C7 STR F . -24.82 -30.05 -18.76
C8 STR F . -24.73 -31.57 -18.71
C9 STR F . -26.14 -32.19 -18.79
C10 STR F . -26.97 -31.73 -20.01
C11 STR F . -26.05 -33.72 -18.68
C12 STR F . -25.34 -34.16 -17.41
C13 STR F . -23.95 -33.54 -17.28
C14 STR F . -24.11 -32.02 -17.40
C15 STR F . -22.75 -31.48 -17.02
C16 STR F . -22.31 -32.42 -15.88
C17 STR F . -23.30 -33.60 -15.88
C18 STR F . -23.01 -34.11 -18.34
C19 STR F . -26.40 -32.27 -21.34
C20 STR F . -22.67 -34.93 -15.53
O20 STR F . -21.49 -35.13 -15.67
C21 STR F . -23.58 -35.99 -14.99
#